data_5C7E
#
_entry.id   5C7E
#
_cell.length_a   162.668
_cell.length_b   162.668
_cell.length_c   157.250
_cell.angle_alpha   90.00
_cell.angle_beta   90.00
_cell.angle_gamma   120.00
#
_symmetry.space_group_name_H-M   'P 31 2 1'
#
loop_
_entity.id
_entity.type
_entity.pdbx_description
1 polymer 'ASPR2 protein'
2 polymer 'Auxin-responsive protein IAA10'
3 non-polymer 'ZINC ION'
4 water water
#
loop_
_entity_poly.entity_id
_entity_poly.type
_entity_poly.pdbx_seq_one_letter_code
_entity_poly.pdbx_strand_id
1 'polypeptide(L)'
;MSSLSRELVFLILQFLDEEKFKETVHKLEQESGFFFNMKYFEEKVHAGEWDEVEKYLSGFTKVDDNRYSMKIFFEIRKQK
YLEALDRHDRAKAVDILVKDLKVFSTFNEELYKEITQLLTLENFRENEQLSKYGDTKSARSIMLIELKKLIEANPLFREK
LVFPTLKASRLRTLINQSLNWQHQLCKNPRPNPDIKTLFTDHTCTPPNG
;
A,B,C,D,E,F
2 'polypeptide(L)' SETELDLALGL G,H,I,J,K,L
#
# COMPACT_ATOMS: atom_id res chain seq x y z
N MET A 1 -5.58 -49.18 66.37
CA MET A 1 -5.66 -50.64 66.36
C MET A 1 -4.68 -51.27 65.37
N SER A 2 -4.41 -50.58 64.27
CA SER A 2 -3.53 -51.17 63.27
C SER A 2 -2.44 -50.17 62.93
N SER A 3 -2.82 -49.01 62.40
CA SER A 3 -1.81 -47.97 62.36
C SER A 3 -2.43 -46.80 63.13
N LEU A 4 -1.65 -46.26 64.05
CA LEU A 4 -2.05 -45.11 64.82
C LEU A 4 -2.11 -44.01 63.80
N SER A 5 -1.03 -43.94 63.03
CA SER A 5 -0.81 -42.96 61.98
C SER A 5 -1.93 -42.84 60.94
N ARG A 6 -2.42 -43.96 60.45
CA ARG A 6 -3.48 -43.93 59.45
C ARG A 6 -4.75 -43.35 60.05
N GLU A 7 -5.07 -43.77 61.26
CA GLU A 7 -6.26 -43.26 61.93
C GLU A 7 -6.15 -41.78 62.20
N LEU A 8 -4.96 -41.36 62.58
CA LEU A 8 -4.70 -39.98 62.91
C LEU A 8 -4.87 -39.09 61.68
N VAL A 9 -4.47 -39.59 60.51
CA VAL A 9 -4.66 -38.85 59.25
C VAL A 9 -6.14 -38.57 59.02
N PHE A 10 -6.99 -39.55 59.29
CA PHE A 10 -8.43 -39.43 59.14
C PHE A 10 -9.00 -38.31 60.04
N LEU A 11 -8.53 -38.29 61.28
CA LEU A 11 -8.92 -37.23 62.20
C LEU A 11 -8.52 -35.85 61.66
N ILE A 12 -7.30 -35.77 61.15
CA ILE A 12 -6.77 -34.54 60.57
C ILE A 12 -7.56 -34.12 59.35
N LEU A 13 -7.93 -35.11 58.54
CA LEU A 13 -8.75 -34.84 57.38
C LEU A 13 -10.06 -34.19 57.77
N GLN A 14 -10.69 -34.74 58.81
CA GLN A 14 -11.95 -34.20 59.31
C GLN A 14 -11.77 -32.78 59.83
N PHE A 15 -10.70 -32.57 60.58
CA PHE A 15 -10.39 -31.26 61.12
C PHE A 15 -10.26 -30.24 59.99
N LEU A 16 -9.41 -30.55 59.01
CA LEU A 16 -9.16 -29.70 57.86
C LEU A 16 -10.43 -29.35 57.10
N ASP A 17 -11.30 -30.35 56.93
CA ASP A 17 -12.55 -30.16 56.21
C ASP A 17 -13.48 -29.22 56.94
N GLU A 18 -13.52 -29.35 58.27
CA GLU A 18 -14.35 -28.49 59.11
C GLU A 18 -13.89 -27.06 59.10
N GLU A 19 -12.56 -26.88 59.02
CA GLU A 19 -11.96 -25.56 59.00
C GLU A 19 -11.96 -25.01 57.59
N LYS A 20 -12.53 -25.79 56.67
CA LYS A 20 -12.74 -25.38 55.29
C LYS A 20 -11.41 -25.14 54.56
N PHE A 21 -10.39 -25.93 54.89
CA PHE A 21 -9.17 -25.87 54.09
C PHE A 21 -9.30 -26.93 53.01
N LYS A 22 -9.82 -26.50 51.85
CA LYS A 22 -10.33 -27.43 50.86
C LYS A 22 -9.17 -28.11 50.19
N GLU A 23 -8.22 -27.29 49.78
CA GLU A 23 -7.09 -27.78 49.04
C GLU A 23 -6.23 -28.68 49.90
N THR A 24 -6.12 -28.34 51.18
CA THR A 24 -5.26 -29.09 52.06
C THR A 24 -5.82 -30.49 52.22
N VAL A 25 -7.14 -30.58 52.25
CA VAL A 25 -7.82 -31.85 52.43
C VAL A 25 -7.43 -32.84 51.36
N HIS A 26 -7.50 -32.36 50.11
CA HIS A 26 -7.33 -33.24 48.97
C HIS A 26 -5.85 -33.53 48.71
N LYS A 27 -4.95 -32.61 49.05
CA LYS A 27 -3.53 -32.94 48.99
C LYS A 27 -3.21 -34.05 49.98
N LEU A 28 -3.83 -33.99 51.16
CA LEU A 28 -3.60 -35.01 52.17
C LEU A 28 -4.21 -36.34 51.76
N GLU A 29 -5.41 -36.31 51.19
CA GLU A 29 -6.03 -37.52 50.64
C GLU A 29 -5.09 -38.16 49.62
N GLN A 30 -4.61 -37.34 48.71
CA GLN A 30 -3.71 -37.75 47.64
C GLN A 30 -2.39 -38.30 48.16
N GLU A 31 -1.72 -37.52 49.01
CA GLU A 31 -0.38 -37.87 49.45
C GLU A 31 -0.43 -39.07 50.41
N SER A 32 -1.47 -39.15 51.23
CA SER A 32 -1.62 -40.30 52.14
C SER A 32 -2.14 -41.53 51.41
N GLY A 33 -2.93 -41.29 50.37
CA GLY A 33 -3.57 -42.34 49.60
C GLY A 33 -4.51 -43.22 50.41
N PHE A 34 -4.93 -42.74 51.58
CA PHE A 34 -5.81 -43.50 52.47
C PHE A 34 -7.29 -43.42 52.09
N PHE A 35 -7.67 -42.29 51.52
CA PHE A 35 -9.05 -42.07 51.15
C PHE A 35 -9.17 -41.38 49.79
N PHE A 36 -9.90 -41.99 48.87
CA PHE A 36 -10.18 -41.39 47.58
C PHE A 36 -11.55 -40.75 47.59
N ASN A 37 -11.59 -39.46 47.30
CA ASN A 37 -12.80 -38.68 47.47
C ASN A 37 -13.51 -38.56 46.13
N MET A 38 -14.55 -39.38 45.97
CA MET A 38 -15.32 -39.44 44.73
C MET A 38 -15.92 -38.11 44.35
N LYS A 39 -16.61 -37.50 45.31
CA LYS A 39 -17.28 -36.22 45.11
C LYS A 39 -16.32 -35.21 44.51
N TYR A 40 -15.12 -35.15 45.08
CA TYR A 40 -14.08 -34.26 44.58
C TYR A 40 -13.68 -34.64 43.16
N PHE A 41 -13.45 -35.93 42.97
CA PHE A 41 -13.08 -36.44 41.67
C PHE A 41 -14.08 -36.04 40.57
N GLU A 42 -15.37 -36.23 40.84
CA GLU A 42 -16.41 -35.91 39.87
C GLU A 42 -16.38 -34.44 39.55
N GLU A 43 -16.31 -33.62 40.60
CA GLU A 43 -16.28 -32.18 40.44
C GLU A 43 -15.16 -31.75 39.51
N LYS A 44 -13.98 -32.32 39.75
CA LYS A 44 -12.82 -32.00 38.95
C LYS A 44 -12.92 -32.55 37.53
N VAL A 45 -13.51 -33.73 37.34
CA VAL A 45 -13.70 -34.25 36.00
C VAL A 45 -14.66 -33.39 35.19
N HIS A 46 -15.81 -33.04 35.79
CA HIS A 46 -16.77 -32.15 35.15
C HIS A 46 -16.14 -30.82 34.76
N ALA A 47 -15.24 -30.31 35.60
CA ALA A 47 -14.59 -29.02 35.32
C ALA A 47 -13.51 -29.15 34.26
N GLY A 48 -13.20 -30.39 33.89
CA GLY A 48 -12.13 -30.64 32.97
C GLY A 48 -10.79 -30.19 33.51
N GLU A 49 -10.57 -30.31 34.81
CA GLU A 49 -9.26 -29.92 35.32
C GLU A 49 -8.44 -31.18 35.26
N TRP A 50 -7.78 -31.39 34.13
CA TRP A 50 -7.26 -32.72 33.84
C TRP A 50 -5.93 -32.91 34.55
N ASP A 51 -5.19 -31.83 34.67
CA ASP A 51 -3.89 -31.87 35.32
C ASP A 51 -4.06 -32.28 36.76
N GLU A 52 -5.07 -31.73 37.43
CA GLU A 52 -5.35 -32.05 38.82
C GLU A 52 -5.96 -33.43 38.95
N VAL A 53 -6.84 -33.80 38.02
CA VAL A 53 -7.44 -35.13 38.03
C VAL A 53 -6.37 -36.20 38.02
N GLU A 54 -5.42 -36.07 37.11
CA GLU A 54 -4.34 -37.05 36.98
C GLU A 54 -3.43 -37.03 38.22
N LYS A 55 -3.25 -35.83 38.78
CA LYS A 55 -2.42 -35.65 39.96
C LYS A 55 -3.06 -36.32 41.18
N TYR A 56 -4.37 -36.16 41.31
CA TYR A 56 -5.11 -36.75 42.41
C TYR A 56 -5.06 -38.27 42.32
N LEU A 57 -5.33 -38.78 41.11
CA LEU A 57 -5.28 -40.22 40.81
C LEU A 57 -3.91 -40.80 41.15
N SER A 58 -2.88 -40.00 40.92
CA SER A 58 -1.51 -40.46 41.08
C SER A 58 -1.14 -40.81 42.51
N GLY A 59 -1.96 -40.40 43.48
CA GLY A 59 -1.73 -40.77 44.87
C GLY A 59 -2.15 -42.20 45.13
N PHE A 60 -2.87 -42.77 44.18
CA PHE A 60 -3.51 -44.08 44.33
C PHE A 60 -2.97 -45.15 43.37
N THR A 61 -2.79 -44.80 42.10
CA THR A 61 -2.37 -45.78 41.11
C THR A 61 -1.53 -45.15 40.02
N LYS A 62 -0.70 -45.96 39.38
CA LYS A 62 0.03 -45.49 38.21
C LYS A 62 -0.75 -45.94 36.99
N VAL A 63 -0.35 -45.48 35.82
CA VAL A 63 -1.19 -45.70 34.64
C VAL A 63 -1.27 -47.19 34.24
N ASP A 64 -0.17 -47.91 34.34
CA ASP A 64 -0.09 -49.29 33.92
C ASP A 64 -0.22 -50.34 35.03
N ASP A 65 -0.65 -49.94 36.24
CA ASP A 65 -0.76 -50.86 37.39
C ASP A 65 -1.71 -52.03 37.19
N ASN A 66 -2.78 -51.83 36.45
CA ASN A 66 -3.76 -52.87 36.17
C ASN A 66 -4.72 -52.36 35.11
N ARG A 67 -5.43 -53.28 34.46
CA ARG A 67 -6.28 -52.90 33.34
C ARG A 67 -7.38 -51.88 33.69
N TYR A 68 -7.85 -51.89 34.92
CA TYR A 68 -8.84 -50.90 35.35
C TYR A 68 -8.22 -49.51 35.34
N SER A 69 -7.12 -49.37 36.05
CA SER A 69 -6.49 -48.06 36.19
C SER A 69 -6.00 -47.62 34.81
N MET A 70 -5.71 -48.60 33.95
CA MET A 70 -5.26 -48.31 32.59
C MET A 70 -6.37 -47.72 31.74
N LYS A 71 -7.58 -48.25 31.87
CA LYS A 71 -8.68 -47.71 31.12
C LYS A 71 -9.08 -46.33 31.63
N ILE A 72 -8.97 -46.14 32.94
CA ILE A 72 -9.32 -44.87 33.55
C ILE A 72 -8.52 -43.75 32.93
N PHE A 73 -7.20 -43.93 32.91
CA PHE A 73 -6.28 -42.95 32.34
C PHE A 73 -6.48 -42.78 30.85
N PHE A 74 -6.69 -43.89 30.17
CA PHE A 74 -6.91 -43.84 28.73
C PHE A 74 -8.13 -43.00 28.41
N GLU A 75 -9.22 -43.25 29.12
CA GLU A 75 -10.45 -42.50 28.86
C GLU A 75 -10.21 -41.02 29.04
N ILE A 76 -9.54 -40.65 30.14
CA ILE A 76 -9.30 -39.25 30.47
C ILE A 76 -8.45 -38.56 29.41
N ARG A 77 -7.35 -39.20 29.02
CA ARG A 77 -6.46 -38.59 28.04
C ARG A 77 -7.09 -38.57 26.64
N LYS A 78 -7.88 -39.59 26.32
CA LYS A 78 -8.65 -39.58 25.08
C LYS A 78 -9.53 -38.34 25.06
N GLN A 79 -10.26 -38.12 26.16
CA GLN A 79 -11.20 -37.00 26.25
C GLN A 79 -10.46 -35.68 26.16
N LYS A 80 -9.30 -35.63 26.81
CA LYS A 80 -8.44 -34.46 26.76
C LYS A 80 -8.13 -34.14 25.29
N TYR A 81 -7.69 -35.16 24.58
CA TYR A 81 -7.34 -35.10 23.16
C TYR A 81 -8.50 -34.64 22.28
N LEU A 82 -9.68 -35.23 22.47
CA LEU A 82 -10.83 -34.83 21.66
C LEU A 82 -11.23 -33.36 21.86
N GLU A 83 -11.20 -32.90 23.10
CA GLU A 83 -11.53 -31.51 23.39
C GLU A 83 -10.58 -30.55 22.68
N ALA A 84 -9.31 -30.93 22.60
CA ALA A 84 -8.32 -30.14 21.87
C ALA A 84 -8.64 -30.10 20.38
N LEU A 85 -9.03 -31.23 19.80
CA LEU A 85 -9.40 -31.28 18.37
C LEU A 85 -10.62 -30.41 18.13
N ASP A 86 -11.55 -30.47 19.09
CA ASP A 86 -12.85 -29.83 18.96
C ASP A 86 -12.74 -28.31 18.98
N ARG A 87 -11.74 -27.80 19.67
CA ARG A 87 -11.50 -26.35 19.72
C ARG A 87 -10.46 -25.95 18.68
N HIS A 88 -10.12 -26.93 17.82
CA HIS A 88 -9.21 -26.75 16.70
C HIS A 88 -7.83 -26.30 17.14
N ASP A 89 -7.42 -26.78 18.31
CA ASP A 89 -6.09 -26.48 18.77
C ASP A 89 -5.26 -27.70 18.46
N ARG A 90 -4.66 -27.72 17.27
CA ARG A 90 -4.03 -28.93 16.80
C ARG A 90 -2.64 -29.02 17.39
N ALA A 91 -2.08 -27.86 17.70
CA ALA A 91 -0.83 -27.82 18.45
C ALA A 91 -0.98 -28.57 19.77
N LYS A 92 -2.07 -28.34 20.50
CA LYS A 92 -2.25 -29.00 21.79
C LYS A 92 -2.59 -30.47 21.60
N ALA A 93 -3.41 -30.75 20.60
CA ALA A 93 -3.87 -32.12 20.35
C ALA A 93 -2.72 -33.04 20.09
N VAL A 94 -1.76 -32.59 19.29
CA VAL A 94 -0.61 -33.41 18.95
C VAL A 94 0.26 -33.60 20.18
N ASP A 95 0.35 -32.54 20.97
CA ASP A 95 1.16 -32.55 22.17
C ASP A 95 0.61 -33.61 23.13
N ILE A 96 -0.71 -33.64 23.29
CA ILE A 96 -1.40 -34.62 24.13
C ILE A 96 -1.16 -36.02 23.59
N LEU A 97 -1.27 -36.12 22.27
CA LEU A 97 -1.11 -37.38 21.57
C LEU A 97 0.26 -37.99 21.83
N VAL A 98 1.29 -37.15 21.85
CA VAL A 98 2.65 -37.62 22.09
C VAL A 98 2.97 -37.85 23.57
N LYS A 99 2.61 -36.88 24.41
CA LYS A 99 2.95 -36.90 25.83
C LYS A 99 2.09 -37.87 26.65
N ASP A 100 0.79 -37.84 26.39
CA ASP A 100 -0.21 -38.59 27.16
C ASP A 100 -0.63 -39.94 26.57
N LEU A 101 -0.97 -39.96 25.28
CA LEU A 101 -1.55 -41.17 24.69
C LEU A 101 -0.57 -42.20 24.14
N LYS A 102 0.70 -41.85 23.94
CA LYS A 102 1.66 -42.76 23.33
C LYS A 102 1.85 -44.01 24.17
N VAL A 103 1.77 -43.87 25.49
CA VAL A 103 1.95 -45.00 26.40
C VAL A 103 0.97 -46.15 26.12
N PHE A 104 -0.20 -45.83 25.57
CA PHE A 104 -1.18 -46.88 25.31
C PHE A 104 -0.92 -47.63 24.03
N SER A 105 0.03 -47.14 23.23
CA SER A 105 0.36 -47.77 21.96
C SER A 105 0.97 -49.14 22.17
N THR A 106 1.69 -49.31 23.27
CA THR A 106 2.39 -50.55 23.59
C THR A 106 1.41 -51.70 23.50
N PHE A 107 0.17 -51.44 23.90
CA PHE A 107 -0.91 -52.42 23.93
C PHE A 107 -1.67 -52.60 22.63
N ASN A 108 -2.32 -51.51 22.21
CA ASN A 108 -2.97 -51.48 20.91
C ASN A 108 -2.26 -50.48 20.05
N GLU A 109 -1.39 -51.01 19.19
CA GLU A 109 -0.55 -50.22 18.30
C GLU A 109 -1.48 -49.58 17.29
N GLU A 110 -2.35 -50.41 16.74
CA GLU A 110 -3.26 -50.00 15.70
C GLU A 110 -4.20 -48.91 16.19
N LEU A 111 -4.67 -49.05 17.42
CA LEU A 111 -5.57 -48.06 18.01
C LEU A 111 -4.90 -46.71 18.08
N TYR A 112 -3.64 -46.71 18.49
CA TYR A 112 -2.89 -45.46 18.56
C TYR A 112 -2.85 -44.78 17.19
N LYS A 113 -2.59 -45.59 16.16
CA LYS A 113 -2.58 -45.10 14.79
C LYS A 113 -3.93 -44.52 14.43
N GLU A 114 -5.00 -45.24 14.76
CA GLU A 114 -6.34 -44.74 14.46
C GLU A 114 -6.62 -43.40 15.12
N ILE A 115 -6.20 -43.27 16.38
CA ILE A 115 -6.43 -42.07 17.16
C ILE A 115 -5.61 -40.93 16.57
N THR A 116 -4.37 -41.26 16.18
CA THR A 116 -3.51 -40.29 15.48
C THR A 116 -4.20 -39.73 14.24
N GLN A 117 -4.83 -40.61 13.45
CA GLN A 117 -5.41 -40.20 12.17
C GLN A 117 -6.62 -39.28 12.31
N LEU A 118 -7.16 -39.17 13.52
CA LEU A 118 -8.27 -38.27 13.75
C LEU A 118 -7.89 -36.82 13.48
N LEU A 119 -6.58 -36.54 13.48
CA LEU A 119 -6.07 -35.19 13.26
C LEU A 119 -6.48 -34.61 11.93
N THR A 120 -6.59 -35.48 10.93
CA THR A 120 -6.76 -35.04 9.55
C THR A 120 -8.23 -34.92 9.17
N LEU A 121 -9.13 -35.26 10.08
CA LEU A 121 -10.56 -35.18 9.81
C LEU A 121 -11.08 -33.75 10.03
N GLU A 122 -12.07 -33.36 9.21
CA GLU A 122 -12.76 -32.10 9.40
C GLU A 122 -13.40 -32.04 10.78
N ASN A 123 -14.06 -33.13 11.12
CA ASN A 123 -14.73 -33.31 12.40
C ASN A 123 -14.57 -34.76 12.82
N PHE A 124 -14.06 -35.02 14.02
CA PHE A 124 -13.74 -36.40 14.37
C PHE A 124 -15.01 -37.26 14.48
N ARG A 125 -16.17 -36.62 14.45
CA ARG A 125 -17.42 -37.35 14.44
C ARG A 125 -17.67 -38.06 13.11
N GLU A 126 -16.77 -37.82 12.16
CA GLU A 126 -16.78 -38.52 10.87
C GLU A 126 -16.34 -39.95 11.04
N ASN A 127 -15.56 -40.22 12.09
CA ASN A 127 -15.23 -41.59 12.50
C ASN A 127 -16.47 -42.22 13.11
N GLU A 128 -16.88 -43.40 12.66
CA GLU A 128 -18.18 -43.93 13.08
C GLU A 128 -18.17 -44.38 14.53
N GLN A 129 -17.01 -44.67 15.08
CA GLN A 129 -16.96 -45.07 16.48
C GLN A 129 -17.20 -43.86 17.39
N LEU A 130 -16.84 -42.67 16.91
CA LEU A 130 -17.04 -41.42 17.63
C LEU A 130 -18.31 -40.67 17.16
N SER A 131 -19.11 -41.28 16.32
CA SER A 131 -20.25 -40.57 15.71
C SER A 131 -21.31 -40.05 16.68
N LYS A 132 -21.30 -40.56 17.91
CA LYS A 132 -22.34 -40.22 18.88
C LYS A 132 -21.89 -39.12 19.84
N TYR A 133 -20.66 -38.64 19.64
CA TYR A 133 -20.06 -37.66 20.53
C TYR A 133 -20.62 -36.26 20.27
N GLY A 134 -20.48 -35.43 21.30
CA GLY A 134 -20.76 -34.01 21.32
C GLY A 134 -22.01 -33.66 22.05
N ASP A 135 -21.98 -32.51 22.73
CA ASP A 135 -20.79 -31.66 22.88
C ASP A 135 -19.88 -32.10 24.04
N THR A 136 -18.96 -31.22 24.41
CA THR A 136 -18.05 -31.45 25.54
C THR A 136 -18.72 -31.76 26.88
N LYS A 137 -19.66 -30.91 27.29
CA LYS A 137 -20.35 -31.08 28.56
C LYS A 137 -20.91 -32.50 28.68
N SER A 138 -21.50 -32.99 27.60
CA SER A 138 -22.18 -34.27 27.61
C SER A 138 -21.22 -35.45 27.61
N ALA A 139 -20.14 -35.32 26.84
CA ALA A 139 -19.13 -36.37 26.73
C ALA A 139 -18.48 -36.62 28.08
N ARG A 140 -18.20 -35.53 28.79
CA ARG A 140 -17.59 -35.60 30.10
C ARG A 140 -18.47 -36.38 31.05
N SER A 141 -19.77 -36.06 31.03
CA SER A 141 -20.76 -36.67 31.91
C SER A 141 -20.91 -38.15 31.65
N ILE A 142 -20.93 -38.50 30.37
CA ILE A 142 -21.08 -39.89 29.97
C ILE A 142 -19.86 -40.66 30.47
N MET A 143 -18.70 -40.09 30.19
CA MET A 143 -17.44 -40.68 30.60
C MET A 143 -17.26 -40.79 32.12
N LEU A 144 -17.82 -39.84 32.86
CA LEU A 144 -17.67 -39.83 34.31
C LEU A 144 -18.32 -41.06 34.90
N ILE A 145 -19.48 -41.39 34.35
CA ILE A 145 -20.28 -42.54 34.77
C ILE A 145 -19.47 -43.82 34.67
N GLU A 146 -18.77 -43.94 33.54
CA GLU A 146 -17.88 -45.05 33.22
C GLU A 146 -16.67 -45.07 34.18
N LEU A 147 -16.09 -43.89 34.41
CA LEU A 147 -14.96 -43.75 35.32
C LEU A 147 -15.29 -44.26 36.72
N LYS A 148 -16.42 -43.83 37.26
CA LYS A 148 -16.88 -44.24 38.59
C LYS A 148 -16.90 -45.76 38.73
N LYS A 149 -17.43 -46.45 37.71
CA LYS A 149 -17.53 -47.91 37.74
C LYS A 149 -16.14 -48.51 37.72
N LEU A 150 -15.30 -47.99 36.84
CA LEU A 150 -13.92 -48.44 36.72
C LEU A 150 -13.18 -48.28 38.05
N ILE A 151 -13.40 -47.16 38.71
CA ILE A 151 -12.72 -46.89 39.96
C ILE A 151 -13.24 -47.82 41.03
N GLU A 152 -14.56 -47.93 41.11
CA GLU A 152 -15.21 -48.75 42.13
C GLU A 152 -14.78 -50.21 42.02
N ALA A 153 -14.52 -50.69 40.80
CA ALA A 153 -14.04 -52.05 40.57
C ALA A 153 -12.51 -52.23 40.71
N ASN A 154 -11.76 -51.15 40.60
CA ASN A 154 -10.29 -51.21 40.69
C ASN A 154 -9.81 -51.67 42.07
N PRO A 155 -9.02 -52.75 42.13
CA PRO A 155 -8.51 -53.32 43.38
C PRO A 155 -7.76 -52.32 44.27
N LEU A 156 -7.15 -51.31 43.66
CA LEU A 156 -6.34 -50.36 44.41
C LEU A 156 -7.17 -49.25 45.06
N PHE A 157 -8.41 -49.08 44.63
CA PHE A 157 -9.32 -48.11 45.24
C PHE A 157 -10.40 -48.75 46.12
N ARG A 158 -10.51 -50.06 46.00
CA ARG A 158 -11.73 -50.76 46.34
C ARG A 158 -12.03 -50.70 47.83
N GLU A 159 -10.98 -50.66 48.65
CA GLU A 159 -11.17 -50.51 50.07
C GLU A 159 -10.96 -49.05 50.56
N LYS A 160 -10.78 -48.12 49.62
CA LYS A 160 -10.51 -46.71 49.95
C LYS A 160 -11.64 -45.67 49.75
N LEU A 161 -12.87 -46.09 49.44
CA LEU A 161 -13.90 -45.14 49.00
C LEU A 161 -14.89 -44.62 50.05
N VAL A 162 -14.78 -45.11 51.29
CA VAL A 162 -15.74 -44.77 52.34
C VAL A 162 -15.10 -44.08 53.53
N PHE A 163 -15.53 -42.86 53.84
CA PHE A 163 -14.95 -42.15 54.97
C PHE A 163 -15.48 -42.71 56.27
N PRO A 164 -14.61 -42.84 57.28
CA PRO A 164 -15.07 -43.34 58.57
C PRO A 164 -16.05 -42.29 59.08
N THR A 165 -16.84 -42.62 60.08
CA THR A 165 -17.85 -41.69 60.51
C THR A 165 -17.49 -41.33 61.93
N LEU A 166 -17.45 -40.04 62.23
CA LEU A 166 -16.99 -39.58 63.53
C LEU A 166 -17.91 -38.49 64.05
N LYS A 167 -17.93 -38.27 65.36
CA LYS A 167 -18.56 -37.08 65.88
C LYS A 167 -17.76 -35.90 65.35
N ALA A 168 -18.40 -34.74 65.20
CA ALA A 168 -17.70 -33.54 64.74
C ALA A 168 -16.49 -33.25 65.60
N SER A 169 -15.42 -32.79 64.97
CA SER A 169 -14.24 -32.33 65.67
C SER A 169 -13.67 -33.36 66.65
N ARG A 170 -13.59 -34.62 66.22
CA ARG A 170 -13.01 -35.67 67.05
C ARG A 170 -11.60 -35.29 67.47
N LEU A 171 -10.88 -34.65 66.56
CA LEU A 171 -9.53 -34.22 66.87
C LEU A 171 -9.51 -33.25 68.05
N ARG A 172 -10.37 -32.23 67.98
CA ARG A 172 -10.48 -31.24 69.05
C ARG A 172 -10.88 -31.90 70.37
N THR A 173 -11.73 -32.92 70.27
CA THR A 173 -12.18 -33.67 71.44
C THR A 173 -11.00 -34.38 72.12
N LEU A 174 -10.19 -35.08 71.32
CA LEU A 174 -9.01 -35.74 71.85
C LEU A 174 -8.04 -34.75 72.47
N ILE A 175 -7.76 -33.66 71.75
CA ILE A 175 -6.90 -32.59 72.28
C ILE A 175 -7.32 -32.17 73.68
N ASN A 176 -8.61 -31.99 73.86
CA ASN A 176 -9.16 -31.65 75.17
C ASN A 176 -8.82 -32.67 76.23
N GLN A 177 -8.94 -33.94 75.88
CA GLN A 177 -8.59 -35.02 76.79
C GLN A 177 -7.11 -34.99 77.19
N SER A 178 -6.21 -34.67 76.26
CA SER A 178 -4.78 -34.60 76.59
C SER A 178 -4.54 -33.50 77.61
N LEU A 179 -5.33 -32.44 77.55
CA LEU A 179 -5.21 -31.38 78.55
C LEU A 179 -5.75 -31.84 79.89
N ASN A 180 -6.81 -32.64 79.87
CA ASN A 180 -7.36 -33.19 81.10
C ASN A 180 -6.38 -34.15 81.74
N TRP A 181 -5.66 -34.92 80.93
CA TRP A 181 -4.68 -35.85 81.47
C TRP A 181 -3.50 -35.09 82.07
N GLN A 182 -3.09 -34.01 81.42
CA GLN A 182 -2.01 -33.18 81.91
C GLN A 182 -2.34 -32.53 83.26
N HIS A 183 -3.52 -31.92 83.34
CA HIS A 183 -3.94 -31.17 84.51
C HIS A 183 -4.31 -32.05 85.69
N GLN A 184 -4.83 -33.24 85.41
CA GLN A 184 -5.22 -34.12 86.48
C GLN A 184 -3.99 -34.65 87.24
N LEU A 185 -2.84 -34.60 86.61
CA LEU A 185 -1.61 -34.96 87.31
C LEU A 185 -0.92 -33.84 88.10
N CYS A 186 -1.34 -32.57 87.94
CA CYS A 186 -0.62 -31.53 88.67
C CYS A 186 -1.15 -31.34 90.10
N LYS A 187 -0.20 -31.10 91.00
CA LYS A 187 -0.46 -30.87 92.42
C LYS A 187 0.21 -29.60 92.93
N ASN A 188 -0.57 -28.71 93.54
CA ASN A 188 -1.98 -28.97 93.79
C ASN A 188 -2.77 -28.05 92.89
N PRO A 189 -3.89 -28.55 92.37
CA PRO A 189 -4.62 -27.90 91.26
C PRO A 189 -5.42 -26.65 91.60
N ARG A 190 -5.75 -25.92 90.55
CA ARG A 190 -6.66 -24.79 90.67
C ARG A 190 -7.96 -25.44 90.20
N PRO A 191 -9.12 -24.80 90.40
CA PRO A 191 -10.28 -25.56 89.89
C PRO A 191 -10.41 -25.57 88.37
N ASN A 192 -10.30 -24.37 87.82
CA ASN A 192 -10.37 -24.07 86.38
C ASN A 192 -9.17 -23.24 85.93
N PRO A 193 -8.08 -23.89 85.49
CA PRO A 193 -6.89 -23.13 85.08
C PRO A 193 -6.91 -22.58 83.65
N ASP A 194 -5.88 -21.82 83.33
CA ASP A 194 -5.69 -21.25 82.00
C ASP A 194 -4.63 -22.11 81.31
N ILE A 195 -4.83 -22.40 80.03
CA ILE A 195 -3.93 -23.27 79.29
C ILE A 195 -2.84 -22.42 78.67
N LYS A 196 -1.60 -22.73 78.99
CA LYS A 196 -0.50 -21.91 78.54
C LYS A 196 -0.27 -22.18 77.05
N THR A 197 -0.40 -23.44 76.67
CA THR A 197 -0.09 -23.87 75.30
C THR A 197 -0.35 -25.36 75.06
N LEU A 198 -0.38 -25.74 73.80
CA LEU A 198 -0.38 -27.16 73.41
C LEU A 198 1.04 -27.68 73.16
N PHE A 199 2.03 -26.79 73.15
CA PHE A 199 3.39 -27.13 72.72
C PHE A 199 4.16 -27.92 73.78
N THR A 200 3.87 -27.61 75.04
CA THR A 200 4.45 -28.29 76.19
C THR A 200 3.38 -28.52 77.25
N ASP A 201 3.53 -29.61 77.99
CA ASP A 201 2.50 -30.05 78.93
C ASP A 201 2.21 -29.00 80.00
N HIS A 202 0.93 -28.83 80.32
CA HIS A 202 0.53 -27.96 81.42
C HIS A 202 0.79 -28.66 82.76
N THR A 203 1.09 -27.87 83.80
CA THR A 203 1.05 -28.31 85.21
C THR A 203 0.71 -27.08 86.05
N CYS A 204 0.44 -27.28 87.34
CA CYS A 204 0.12 -26.14 88.20
C CYS A 204 1.19 -25.93 89.27
N THR A 205 1.17 -24.74 89.86
CA THR A 205 2.21 -24.32 90.81
C THR A 205 2.02 -22.85 91.22
N MET B 1 -8.04 -19.03 73.49
CA MET B 1 -9.03 -19.00 72.42
C MET B 1 -8.58 -19.82 71.20
N SER B 2 -9.00 -19.39 70.01
CA SER B 2 -8.56 -20.01 68.74
C SER B 2 -7.06 -19.95 68.58
N SER B 3 -6.42 -19.08 69.37
CA SER B 3 -4.97 -18.98 69.41
C SER B 3 -4.41 -20.30 69.91
N LEU B 4 -5.22 -21.04 70.66
CA LEU B 4 -4.87 -22.41 71.01
C LEU B 4 -5.02 -23.29 69.78
N SER B 5 -6.20 -23.25 69.16
CA SER B 5 -6.46 -24.01 67.93
C SER B 5 -5.42 -23.69 66.85
N ARG B 6 -5.06 -22.42 66.78
CA ARG B 6 -4.03 -21.94 65.86
C ARG B 6 -2.75 -22.76 66.10
N GLU B 7 -2.48 -23.08 67.36
CA GLU B 7 -1.36 -23.94 67.75
C GLU B 7 -1.57 -25.37 67.22
N LEU B 8 -2.82 -25.83 67.18
CA LEU B 8 -3.14 -27.17 66.69
C LEU B 8 -2.71 -27.32 65.24
N VAL B 9 -2.90 -26.26 64.46
CA VAL B 9 -2.49 -26.23 63.06
C VAL B 9 -0.99 -26.48 62.98
N PHE B 10 -0.25 -25.87 63.91
CA PHE B 10 1.20 -26.04 63.97
C PHE B 10 1.59 -27.47 64.32
N LEU B 11 0.86 -28.09 65.24
CA LEU B 11 1.10 -29.49 65.55
C LEU B 11 0.90 -30.38 64.34
N ILE B 12 -0.18 -30.09 63.60
CA ILE B 12 -0.50 -30.83 62.39
C ILE B 12 0.59 -30.66 61.34
N LEU B 13 1.09 -29.42 61.21
CA LEU B 13 2.18 -29.12 60.29
C LEU B 13 3.40 -29.99 60.58
N GLN B 14 3.76 -30.13 61.86
CA GLN B 14 4.90 -30.97 62.23
C GLN B 14 4.63 -32.43 61.87
N PHE B 15 3.42 -32.89 62.16
CA PHE B 15 3.02 -34.26 61.87
C PHE B 15 3.12 -34.55 60.39
N LEU B 16 2.50 -33.68 59.61
CA LEU B 16 2.51 -33.81 58.16
C LEU B 16 3.93 -33.88 57.62
N ASP B 17 4.79 -33.03 58.16
CA ASP B 17 6.17 -32.99 57.73
C ASP B 17 6.89 -34.30 58.08
N GLU B 18 6.61 -34.85 59.25
CA GLU B 18 7.24 -36.10 59.69
C GLU B 18 6.78 -37.29 58.87
N GLU B 19 5.54 -37.26 58.40
CA GLU B 19 5.02 -38.33 57.54
C GLU B 19 5.41 -38.08 56.09
N LYS B 20 6.14 -36.99 55.89
CA LYS B 20 6.71 -36.57 54.60
C LYS B 20 5.62 -36.27 53.57
N PHE B 21 4.53 -35.66 54.01
CA PHE B 21 3.57 -35.22 53.02
C PHE B 21 3.91 -33.76 52.73
N LYS B 22 4.77 -33.55 51.73
CA LYS B 22 5.38 -32.23 51.58
C LYS B 22 4.38 -31.23 51.02
N GLU B 23 3.63 -31.65 50.01
CA GLU B 23 2.72 -30.72 49.36
C GLU B 23 1.61 -30.33 50.32
N THR B 24 1.20 -31.28 51.15
CA THR B 24 0.10 -31.03 52.07
C THR B 24 0.51 -29.97 53.08
N VAL B 25 1.78 -30.04 53.52
CA VAL B 25 2.31 -29.07 54.47
C VAL B 25 2.17 -27.65 53.94
N HIS B 26 2.58 -27.44 52.69
CA HIS B 26 2.63 -26.09 52.15
C HIS B 26 1.23 -25.59 51.76
N LYS B 27 0.33 -26.50 51.44
CA LYS B 27 -1.07 -26.12 51.23
C LYS B 27 -1.67 -25.65 52.54
N LEU B 28 -1.30 -26.31 53.65
CA LEU B 28 -1.84 -25.94 54.96
C LEU B 28 -1.27 -24.60 55.45
N GLU B 29 0.03 -24.40 55.23
CA GLU B 29 0.66 -23.12 55.55
C GLU B 29 -0.08 -22.00 54.83
N GLN B 30 -0.30 -22.21 53.54
CA GLN B 30 -0.98 -21.25 52.67
C GLN B 30 -2.41 -20.95 53.08
N GLU B 31 -3.21 -22.00 53.22
CA GLU B 31 -4.64 -21.81 53.48
C GLU B 31 -4.90 -21.30 54.91
N SER B 32 -4.11 -21.75 55.88
CA SER B 32 -4.27 -21.30 57.26
C SER B 32 -3.67 -19.91 57.41
N GLY B 33 -2.65 -19.62 56.61
CA GLY B 33 -1.92 -18.38 56.68
C GLY B 33 -1.19 -18.13 58.00
N PHE B 34 -0.97 -19.18 58.79
CA PHE B 34 -0.30 -19.04 60.07
C PHE B 34 1.22 -19.02 60.01
N PHE B 35 1.81 -19.74 59.05
CA PHE B 35 3.26 -19.82 58.95
C PHE B 35 3.75 -19.71 57.52
N PHE B 36 4.63 -18.74 57.31
CA PHE B 36 5.22 -18.53 56.01
C PHE B 36 6.59 -19.19 55.98
N ASN B 37 6.76 -20.09 55.04
CA ASN B 37 7.95 -20.92 55.01
C ASN B 37 8.94 -20.32 54.03
N MET B 38 9.96 -19.67 54.56
CA MET B 38 10.94 -18.99 53.72
C MET B 38 11.65 -19.95 52.79
N LYS B 39 12.19 -21.03 53.38
CA LYS B 39 12.96 -22.03 52.65
C LYS B 39 12.19 -22.51 51.41
N TYR B 40 10.91 -22.80 51.59
CA TYR B 40 10.03 -23.21 50.49
C TYR B 40 9.88 -22.08 49.47
N PHE B 41 9.58 -20.89 49.97
CA PHE B 41 9.39 -19.71 49.11
C PHE B 41 10.59 -19.48 48.21
N GLU B 42 11.78 -19.51 48.81
CA GLU B 42 13.02 -19.30 48.07
C GLU B 42 13.16 -20.36 46.99
N GLU B 43 12.94 -21.61 47.40
CA GLU B 43 13.04 -22.75 46.51
C GLU B 43 12.16 -22.56 45.28
N LYS B 44 10.93 -22.11 45.48
CA LYS B 44 10.02 -21.89 44.36
C LYS B 44 10.42 -20.68 43.50
N VAL B 45 10.93 -19.62 44.12
CA VAL B 45 11.38 -18.47 43.34
C VAL B 45 12.57 -18.83 42.45
N HIS B 46 13.57 -19.50 43.00
CA HIS B 46 14.72 -19.94 42.22
C HIS B 46 14.27 -20.81 41.04
N ALA B 47 13.22 -21.61 41.24
CA ALA B 47 12.69 -22.49 40.20
C ALA B 47 11.85 -21.73 39.17
N GLY B 48 11.60 -20.46 39.43
CA GLY B 48 10.76 -19.64 38.59
C GLY B 48 9.34 -20.12 38.47
N GLU B 49 8.80 -20.73 39.54
CA GLU B 49 7.43 -21.21 39.45
C GLU B 49 6.57 -20.06 39.91
N TRP B 50 6.14 -19.20 39.01
CA TRP B 50 5.61 -17.91 39.45
C TRP B 50 4.18 -18.04 39.89
N ASP B 51 3.47 -18.96 39.24
CA ASP B 51 2.09 -19.21 39.53
C ASP B 51 1.92 -19.69 40.97
N GLU B 52 2.80 -20.57 41.39
CA GLU B 52 2.76 -21.12 42.74
C GLU B 52 3.26 -20.09 43.74
N VAL B 53 4.30 -19.35 43.36
CA VAL B 53 4.81 -18.29 44.22
C VAL B 53 3.69 -17.32 44.57
N GLU B 54 2.96 -16.84 43.57
CA GLU B 54 1.86 -15.90 43.82
C GLU B 54 0.70 -16.57 44.58
N LYS B 55 0.49 -17.85 44.34
CA LYS B 55 -0.57 -18.60 45.03
C LYS B 55 -0.28 -18.75 46.51
N TYR B 56 0.97 -19.09 46.83
CA TYR B 56 1.40 -19.25 48.20
C TYR B 56 1.31 -17.90 48.91
N LEU B 57 1.81 -16.85 48.27
CA LEU B 57 1.70 -15.49 48.82
C LEU B 57 0.25 -15.06 49.08
N SER B 58 -0.66 -15.47 48.21
CA SER B 58 -2.06 -15.03 48.29
C SER B 58 -2.73 -15.55 49.55
N GLY B 59 -2.07 -16.50 50.23
CA GLY B 59 -2.56 -16.99 51.50
C GLY B 59 -2.20 -16.07 52.66
N PHE B 60 -1.30 -15.14 52.40
CA PHE B 60 -0.75 -14.24 53.41
C PHE B 60 -1.11 -12.76 53.19
N THR B 61 -0.97 -12.28 51.96
CA THR B 61 -1.25 -10.87 51.65
C THR B 61 -1.73 -10.66 50.21
N LYS B 62 -2.48 -9.58 49.99
CA LYS B 62 -2.86 -9.17 48.64
C LYS B 62 -1.91 -8.09 48.14
N VAL B 63 -2.07 -7.68 46.88
CA VAL B 63 -1.07 -6.79 46.27
C VAL B 63 -1.07 -5.39 46.91
N ASP B 64 -2.26 -4.88 47.22
CA ASP B 64 -2.44 -3.50 47.71
C ASP B 64 -2.57 -3.33 49.23
N ASP B 65 -2.27 -4.36 50.01
CA ASP B 65 -2.44 -4.27 51.46
C ASP B 65 -1.54 -3.19 52.10
N ASN B 66 -0.31 -3.08 51.62
CA ASN B 66 0.64 -2.08 52.10
C ASN B 66 1.81 -1.93 51.11
N ARG B 67 2.59 -0.86 51.24
CA ARG B 67 3.69 -0.57 50.31
C ARG B 67 4.74 -1.70 50.25
N TYR B 68 4.95 -2.42 51.34
CA TYR B 68 5.91 -3.53 51.35
C TYR B 68 5.42 -4.64 50.42
N SER B 69 4.20 -5.09 50.66
CA SER B 69 3.61 -6.18 49.90
C SER B 69 3.38 -5.77 48.45
N MET B 70 3.17 -4.47 48.21
CA MET B 70 2.95 -4.01 46.87
C MET B 70 4.25 -4.07 46.07
N LYS B 71 5.36 -3.71 46.72
CA LYS B 71 6.67 -3.80 46.08
C LYS B 71 7.05 -5.25 45.84
N ILE B 72 6.65 -6.14 46.75
CA ILE B 72 6.95 -7.57 46.60
C ILE B 72 6.38 -8.15 45.31
N PHE B 73 5.08 -7.93 45.10
CA PHE B 73 4.42 -8.40 43.87
C PHE B 73 5.00 -7.75 42.63
N PHE B 74 5.26 -6.45 42.70
CA PHE B 74 5.83 -5.73 41.57
C PHE B 74 7.16 -6.32 41.15
N GLU B 75 8.04 -6.59 42.11
CA GLU B 75 9.35 -7.16 41.80
C GLU B 75 9.16 -8.51 41.11
N ILE B 76 8.27 -9.35 41.65
CA ILE B 76 8.04 -10.69 41.12
C ILE B 76 7.58 -10.61 39.68
N ARG B 77 6.59 -9.78 39.44
CA ARG B 77 6.02 -9.66 38.11
C ARG B 77 6.97 -9.01 37.11
N LYS B 78 7.80 -8.08 37.56
CA LYS B 78 8.84 -7.51 36.72
C LYS B 78 9.80 -8.58 36.20
N GLN B 79 10.30 -9.42 37.12
CA GLN B 79 11.25 -10.47 36.75
C GLN B 79 10.61 -11.45 35.80
N LYS B 80 9.33 -11.73 36.05
CA LYS B 80 8.53 -12.58 35.19
C LYS B 80 8.57 -12.06 33.76
N TYR B 81 8.27 -10.77 33.63
CA TYR B 81 8.26 -10.03 32.36
C TYR B 81 9.60 -10.05 31.64
N LEU B 82 10.67 -9.76 32.39
CA LEU B 82 12.00 -9.73 31.81
C LEU B 82 12.41 -11.07 31.24
N GLU B 83 12.13 -12.14 31.99
CA GLU B 83 12.44 -13.49 31.54
C GLU B 83 11.71 -13.82 30.24
N ALA B 84 10.50 -13.33 30.11
CA ALA B 84 9.72 -13.51 28.89
C ALA B 84 10.42 -12.83 27.72
N LEU B 85 10.90 -11.61 27.95
CA LEU B 85 11.63 -10.87 26.93
C LEU B 85 12.91 -11.60 26.54
N ASP B 86 13.56 -12.20 27.53
CA ASP B 86 14.87 -12.81 27.36
C ASP B 86 14.81 -14.07 26.50
N ARG B 87 13.68 -14.76 26.52
CA ARG B 87 13.49 -15.93 25.65
C ARG B 87 12.78 -15.52 24.36
N HIS B 88 12.65 -14.20 24.19
CA HIS B 88 12.08 -13.59 23.00
C HIS B 88 10.65 -14.04 22.76
N ASP B 89 9.91 -14.26 23.85
CA ASP B 89 8.52 -14.63 23.74
C ASP B 89 7.72 -13.36 23.97
N ARG B 90 7.42 -12.64 22.91
CA ARG B 90 6.86 -11.31 23.07
C ARG B 90 5.36 -11.40 23.30
N ALA B 91 4.77 -12.49 22.79
CA ALA B 91 3.37 -12.79 23.05
C ALA B 91 3.09 -12.87 24.55
N LYS B 92 3.94 -13.59 25.27
CA LYS B 92 3.75 -13.77 26.70
C LYS B 92 4.08 -12.48 27.43
N ALA B 93 5.12 -11.81 26.97
CA ALA B 93 5.59 -10.59 27.62
C ALA B 93 4.50 -9.53 27.67
N VAL B 94 3.78 -9.37 26.58
CA VAL B 94 2.70 -8.38 26.53
C VAL B 94 1.54 -8.86 27.38
N ASP B 95 1.31 -10.17 27.39
CA ASP B 95 0.23 -10.75 28.20
C ASP B 95 0.48 -10.45 29.68
N ILE B 96 1.74 -10.61 30.11
CA ILE B 96 2.13 -10.28 31.48
C ILE B 96 1.94 -8.80 31.77
N LEU B 97 2.35 -7.97 30.82
CA LEU B 97 2.30 -6.52 30.97
C LEU B 97 0.88 -6.01 31.21
N VAL B 98 -0.10 -6.59 30.52
CA VAL B 98 -1.49 -6.21 30.68
C VAL B 98 -2.20 -6.88 31.89
N LYS B 99 -1.99 -8.18 32.09
CA LYS B 99 -2.67 -8.90 33.18
C LYS B 99 -2.08 -8.59 34.55
N ASP B 100 -0.76 -8.61 34.62
CA ASP B 100 -0.03 -8.52 35.87
C ASP B 100 0.46 -7.13 36.27
N LEU B 101 1.10 -6.43 35.34
CA LEU B 101 1.74 -5.16 35.68
C LEU B 101 0.85 -3.91 35.55
N LYS B 102 -0.33 -4.04 34.92
CA LYS B 102 -1.18 -2.86 34.70
C LYS B 102 -1.67 -2.21 35.99
N VAL B 103 -1.94 -3.03 37.01
CA VAL B 103 -2.44 -2.53 38.29
C VAL B 103 -1.52 -1.46 38.89
N PHE B 104 -0.22 -1.56 38.60
CA PHE B 104 0.74 -0.63 39.15
C PHE B 104 0.80 0.68 38.37
N SER B 105 0.13 0.73 37.21
CA SER B 105 0.18 1.94 36.37
C SER B 105 -0.51 3.15 36.99
N THR B 106 -1.62 2.90 37.67
CA THR B 106 -2.45 3.96 38.26
C THR B 106 -1.65 4.82 39.22
N PHE B 107 -0.80 4.15 39.98
CA PHE B 107 -0.02 4.80 41.03
C PHE B 107 1.19 5.51 40.43
N ASN B 108 1.81 4.90 39.43
CA ASN B 108 2.85 5.58 38.66
C ASN B 108 2.75 5.34 37.16
N GLU B 109 2.26 6.31 36.40
CA GLU B 109 2.07 6.08 34.96
C GLU B 109 3.40 5.94 34.26
N GLU B 110 4.30 6.86 34.59
CA GLU B 110 5.54 6.98 33.87
C GLU B 110 6.38 5.70 33.90
N LEU B 111 6.43 5.01 35.04
CA LEU B 111 7.17 3.77 35.07
C LEU B 111 6.54 2.71 34.17
N TYR B 112 5.20 2.63 34.17
CA TYR B 112 4.49 1.69 33.31
C TYR B 112 4.80 1.92 31.84
N LYS B 113 4.84 3.18 31.45
CA LYS B 113 5.21 3.54 30.08
C LYS B 113 6.63 3.08 29.75
N GLU B 114 7.57 3.38 30.64
CA GLU B 114 8.97 3.00 30.46
C GLU B 114 9.14 1.48 30.40
N ILE B 115 8.35 0.76 31.19
CA ILE B 115 8.41 -0.70 31.19
C ILE B 115 7.85 -1.25 29.88
N THR B 116 6.76 -0.64 29.42
CA THR B 116 6.16 -0.98 28.13
C THR B 116 7.18 -0.88 27.00
N GLN B 117 7.96 0.20 26.98
CA GLN B 117 8.88 0.48 25.88
C GLN B 117 10.05 -0.49 25.77
N LEU B 118 10.25 -1.31 26.80
CA LEU B 118 11.27 -2.35 26.78
C LEU B 118 11.01 -3.43 25.71
N LEU B 119 9.75 -3.53 25.30
CA LEU B 119 9.33 -4.48 24.27
C LEU B 119 10.09 -4.27 22.97
N THR B 120 10.46 -3.03 22.70
CA THR B 120 10.99 -2.66 21.39
C THR B 120 12.52 -2.69 21.30
N LEU B 121 13.20 -3.01 22.39
CA LEU B 121 14.67 -3.08 22.39
C LEU B 121 15.21 -4.42 21.91
N GLU B 122 16.39 -4.40 21.28
CA GLU B 122 17.10 -5.63 20.92
C GLU B 122 17.32 -6.49 22.16
N ASN B 123 17.80 -5.85 23.21
CA ASN B 123 18.04 -6.49 24.48
C ASN B 123 17.76 -5.48 25.60
N PHE B 124 16.94 -5.83 26.59
CA PHE B 124 16.55 -4.82 27.60
C PHE B 124 17.75 -4.33 28.40
N ARG B 125 18.89 -5.00 28.22
CA ARG B 125 20.14 -4.57 28.80
C ARG B 125 20.66 -3.28 28.15
N GLU B 126 19.95 -2.82 27.12
CA GLU B 126 20.20 -1.53 26.51
C GLU B 126 19.73 -0.40 27.42
N ASN B 127 18.75 -0.70 28.26
CA ASN B 127 18.36 0.21 29.32
C ASN B 127 19.43 0.22 30.40
N GLU B 128 19.86 1.40 30.81
CA GLU B 128 21.03 1.54 31.67
C GLU B 128 20.79 1.02 33.08
N GLN B 129 19.54 1.07 33.53
CA GLN B 129 19.21 0.61 34.88
C GLN B 129 19.22 -0.90 34.97
N LEU B 130 18.90 -1.55 33.86
CA LEU B 130 18.88 -3.00 33.78
C LEU B 130 20.16 -3.56 33.15
N SER B 131 21.12 -2.69 32.85
CA SER B 131 22.32 -3.08 32.08
C SER B 131 23.12 -4.15 32.80
N LYS B 132 22.81 -4.33 34.09
CA LYS B 132 23.54 -5.20 34.98
C LYS B 132 22.90 -6.59 35.16
N TYR B 133 21.79 -6.83 34.48
CA TYR B 133 21.04 -8.08 34.62
C TYR B 133 21.66 -9.14 33.71
N GLY B 134 22.47 -10.04 34.26
CA GLY B 134 23.22 -10.96 33.42
C GLY B 134 22.88 -12.42 33.29
N ASP B 135 21.84 -12.86 33.98
CA ASP B 135 21.46 -14.25 33.96
C ASP B 135 20.03 -14.35 34.41
N THR B 136 19.35 -15.43 34.04
CA THR B 136 18.08 -15.67 34.66
C THR B 136 18.42 -16.09 36.08
N LYS B 137 19.34 -17.05 36.18
CA LYS B 137 19.76 -17.59 37.48
C LYS B 137 20.22 -16.50 38.45
N SER B 138 21.02 -15.56 37.97
CA SER B 138 21.64 -14.56 38.84
C SER B 138 20.64 -13.50 39.30
N ALA B 139 19.79 -13.11 38.38
CA ALA B 139 18.79 -12.10 38.64
C ALA B 139 17.81 -12.53 39.69
N ARG B 140 17.42 -13.80 39.58
CA ARG B 140 16.51 -14.41 40.54
C ARG B 140 17.10 -14.37 41.94
N SER B 141 18.37 -14.75 42.02
CA SER B 141 19.07 -14.80 43.30
C SER B 141 19.18 -13.42 43.93
N ILE B 142 19.52 -12.43 43.10
CA ILE B 142 19.66 -11.06 43.57
C ILE B 142 18.33 -10.52 44.06
N MET B 143 17.31 -10.71 43.23
CA MET B 143 15.96 -10.30 43.56
C MET B 143 15.42 -11.02 44.80
N LEU B 144 15.84 -12.27 44.99
CA LEU B 144 15.37 -13.10 46.10
C LEU B 144 15.81 -12.51 47.43
N ILE B 145 17.06 -12.07 47.49
CA ILE B 145 17.64 -11.47 48.67
C ILE B 145 16.82 -10.20 49.03
N GLU B 146 16.41 -9.46 47.99
CA GLU B 146 15.57 -8.28 48.14
C GLU B 146 14.20 -8.63 48.71
N LEU B 147 13.58 -9.68 48.17
CA LEU B 147 12.28 -10.16 48.64
C LEU B 147 12.29 -10.57 50.12
N LYS B 148 13.31 -11.30 50.56
CA LYS B 148 13.44 -11.75 51.96
C LYS B 148 13.33 -10.57 52.92
N LYS B 149 14.03 -9.50 52.58
CA LYS B 149 14.06 -8.30 53.40
C LYS B 149 12.68 -7.62 53.41
N LEU B 150 12.07 -7.48 52.23
CA LEU B 150 10.74 -6.91 52.11
C LEU B 150 9.71 -7.67 52.93
N ILE B 151 9.84 -8.99 52.92
CA ILE B 151 8.91 -9.86 53.65
C ILE B 151 9.12 -9.72 55.16
N GLU B 152 10.37 -9.82 55.59
CA GLU B 152 10.69 -9.74 56.99
C GLU B 152 10.28 -8.40 57.59
N ALA B 153 10.35 -7.34 56.79
CA ALA B 153 9.92 -6.01 57.23
C ALA B 153 8.41 -5.81 57.14
N ASN B 154 7.73 -6.62 56.33
CA ASN B 154 6.28 -6.49 56.16
C ASN B 154 5.54 -6.79 57.47
N PRO B 155 4.73 -5.83 57.95
CA PRO B 155 3.97 -5.99 59.21
C PRO B 155 3.05 -7.21 59.25
N LEU B 156 2.58 -7.66 58.09
CA LEU B 156 1.64 -8.77 58.03
C LEU B 156 2.33 -10.14 58.11
N PHE B 157 3.64 -10.16 57.88
CA PHE B 157 4.44 -11.38 57.99
C PHE B 157 5.28 -11.48 59.25
N ARG B 158 5.31 -10.38 59.98
CA ARG B 158 6.38 -10.12 60.95
C ARG B 158 6.39 -11.12 62.09
N GLU B 159 5.21 -11.59 62.49
CA GLU B 159 5.15 -12.63 63.50
C GLU B 159 4.92 -14.05 62.93
N LYS B 160 4.96 -14.21 61.62
CA LYS B 160 4.71 -15.52 61.00
C LYS B 160 5.92 -16.32 60.50
N LEU B 161 7.15 -15.86 60.74
CA LEU B 161 8.31 -16.46 60.06
C LEU B 161 9.16 -17.50 60.81
N VAL B 162 8.88 -17.77 62.09
CA VAL B 162 9.74 -18.72 62.82
C VAL B 162 8.91 -19.86 63.33
N PHE B 163 9.28 -21.09 62.98
CA PHE B 163 8.50 -22.21 63.43
C PHE B 163 8.81 -22.43 64.90
N PRO B 164 7.75 -22.68 65.70
CA PRO B 164 7.96 -22.96 67.12
C PRO B 164 8.69 -24.29 67.16
N THR B 165 9.33 -24.62 68.26
CA THR B 165 10.12 -25.83 68.30
C THR B 165 9.47 -26.71 69.34
N LEU B 166 9.31 -27.97 68.97
CA LEU B 166 8.59 -28.93 69.79
C LEU B 166 9.45 -30.16 69.81
N LYS B 167 9.28 -31.04 70.80
CA LYS B 167 9.87 -32.37 70.67
C LYS B 167 9.18 -33.07 69.50
N ALA B 168 9.87 -34.07 68.95
CA ALA B 168 9.34 -34.86 67.85
C ALA B 168 7.94 -35.38 68.15
N SER B 169 7.09 -35.36 67.12
CA SER B 169 5.77 -35.96 67.19
C SER B 169 4.94 -35.45 68.36
N ARG B 170 4.87 -34.13 68.53
CA ARG B 170 4.06 -33.57 69.61
C ARG B 170 2.61 -34.04 69.55
N LEU B 171 2.05 -34.06 68.35
CA LEU B 171 0.67 -34.50 68.18
C LEU B 171 0.50 -35.97 68.59
N ARG B 172 1.42 -36.84 68.17
CA ARG B 172 1.36 -38.26 68.60
C ARG B 172 1.42 -38.39 70.13
N THR B 173 2.21 -37.52 70.76
CA THR B 173 2.33 -37.53 72.21
C THR B 173 0.98 -37.16 72.84
N LEU B 174 0.37 -36.08 72.34
CA LEU B 174 -0.94 -35.65 72.84
C LEU B 174 -2.01 -36.71 72.67
N ILE B 175 -2.13 -37.24 71.46
CA ILE B 175 -3.05 -38.34 71.17
C ILE B 175 -2.93 -39.46 72.19
N ASN B 176 -1.68 -39.79 72.52
CA ASN B 176 -1.40 -40.80 73.52
C ASN B 176 -1.99 -40.47 74.90
N GLN B 177 -1.89 -39.20 75.29
CA GLN B 177 -2.50 -38.72 76.52
C GLN B 177 -4.01 -38.86 76.53
N SER B 178 -4.65 -38.61 75.40
CA SER B 178 -6.09 -38.76 75.29
C SER B 178 -6.52 -40.19 75.55
N LEU B 179 -5.65 -41.13 75.19
CA LEU B 179 -5.91 -42.54 75.40
C LEU B 179 -5.75 -42.91 76.88
N ASN B 180 -4.80 -42.28 77.55
CA ASN B 180 -4.62 -42.49 78.99
C ASN B 180 -5.79 -41.92 79.79
N TRP B 181 -6.30 -40.77 79.36
CA TRP B 181 -7.43 -40.15 80.04
C TRP B 181 -8.67 -41.01 79.86
N GLN B 182 -8.82 -41.58 78.67
CA GLN B 182 -9.95 -42.47 78.39
C GLN B 182 -9.92 -43.70 79.28
N HIS B 183 -8.76 -44.33 79.39
CA HIS B 183 -8.67 -45.58 80.15
C HIS B 183 -8.76 -45.39 81.65
N GLN B 184 -8.31 -44.25 82.14
CA GLN B 184 -8.33 -43.97 83.58
C GLN B 184 -9.79 -43.84 84.08
N LEU B 185 -10.71 -43.61 83.16
CA LEU B 185 -12.12 -43.59 83.49
C LEU B 185 -12.78 -44.97 83.46
N CYS B 186 -12.02 -46.01 83.15
CA CYS B 186 -12.63 -47.32 83.01
C CYS B 186 -12.81 -48.00 84.35
N LYS B 187 -14.02 -48.47 84.59
CA LYS B 187 -14.25 -49.27 85.78
C LYS B 187 -13.88 -50.64 85.24
N ASN B 188 -13.26 -51.45 86.08
CA ASN B 188 -12.62 -52.72 85.68
C ASN B 188 -11.46 -52.58 84.71
N PRO B 189 -10.45 -51.74 85.03
CA PRO B 189 -9.39 -51.68 84.02
C PRO B 189 -8.45 -52.89 84.03
N ARG B 190 -8.03 -53.32 82.85
CA ARG B 190 -7.03 -54.37 82.75
C ARG B 190 -5.83 -53.46 82.69
N PRO B 191 -4.69 -53.90 83.25
CA PRO B 191 -3.52 -53.02 83.34
C PRO B 191 -2.92 -52.74 81.97
N ASN B 192 -3.33 -53.58 81.03
CA ASN B 192 -2.95 -53.50 79.63
C ASN B 192 -4.15 -53.25 78.74
N PRO B 193 -4.64 -52.00 78.68
CA PRO B 193 -5.87 -51.81 77.91
C PRO B 193 -5.63 -51.89 76.40
N ASP B 194 -6.44 -52.64 75.66
CA ASP B 194 -6.15 -52.69 74.23
C ASP B 194 -7.13 -51.75 73.58
N ILE B 195 -6.56 -50.77 72.91
CA ILE B 195 -7.29 -49.65 72.35
C ILE B 195 -7.65 -49.94 70.91
N LYS B 196 -8.95 -49.99 70.64
CA LYS B 196 -9.43 -50.33 69.31
C LYS B 196 -9.41 -49.21 68.27
N THR B 197 -9.65 -47.97 68.67
CA THR B 197 -9.71 -46.90 67.67
C THR B 197 -9.43 -45.55 68.28
N LEU B 198 -9.12 -44.55 67.46
CA LEU B 198 -9.12 -43.17 67.93
C LEU B 198 -10.47 -42.54 67.64
N PHE B 199 -11.32 -43.27 66.95
CA PHE B 199 -12.56 -42.72 66.37
C PHE B 199 -13.68 -42.52 67.41
N THR B 200 -13.71 -43.39 68.41
CA THR B 200 -14.66 -43.29 69.52
C THR B 200 -13.88 -43.63 70.78
N ASP B 201 -14.28 -43.07 71.92
CA ASP B 201 -13.51 -43.25 73.17
C ASP B 201 -13.39 -44.72 73.56
N HIS B 202 -12.23 -45.07 74.10
CA HIS B 202 -11.99 -46.42 74.61
C HIS B 202 -12.76 -46.69 75.90
N THR B 203 -13.11 -47.96 76.13
CA THR B 203 -13.63 -48.43 77.42
C THR B 203 -13.25 -49.88 77.69
N CYS B 204 -13.39 -50.29 78.94
CA CYS B 204 -13.15 -51.65 79.38
C CYS B 204 -14.46 -52.22 79.93
N THR B 205 -14.49 -53.54 80.15
CA THR B 205 -15.60 -54.36 80.67
C THR B 205 -15.84 -55.51 79.71
N MET C 1 -1.47 -16.51 -35.99
CA MET C 1 -1.58 -17.73 -35.19
C MET C 1 -0.71 -17.68 -33.95
N SER C 2 -1.11 -18.39 -32.90
CA SER C 2 -0.38 -18.35 -31.63
C SER C 2 1.06 -18.82 -31.79
N SER C 3 1.30 -19.60 -32.84
CA SER C 3 2.65 -20.05 -33.20
C SER C 3 3.54 -18.84 -33.47
N LEU C 4 2.89 -17.68 -33.56
CA LEU C 4 3.56 -16.40 -33.66
C LEU C 4 3.60 -15.71 -32.29
N SER C 5 2.43 -15.38 -31.77
CA SER C 5 2.30 -14.66 -30.49
C SER C 5 3.11 -15.33 -29.38
N ARG C 6 3.23 -16.65 -29.46
CA ARG C 6 4.08 -17.39 -28.54
C ARG C 6 5.55 -16.99 -28.70
N GLU C 7 5.99 -16.82 -29.94
CA GLU C 7 7.38 -16.40 -30.21
C GLU C 7 7.65 -15.01 -29.66
N LEU C 8 6.63 -14.15 -29.75
CA LEU C 8 6.73 -12.78 -29.28
C LEU C 8 6.98 -12.76 -27.79
N VAL C 9 6.33 -13.65 -27.06
CA VAL C 9 6.55 -13.78 -25.63
C VAL C 9 8.02 -14.10 -25.33
N PHE C 10 8.62 -14.98 -26.13
CA PHE C 10 10.03 -15.33 -25.95
C PHE C 10 10.92 -14.11 -26.20
N LEU C 11 10.62 -13.33 -27.23
CA LEU C 11 11.37 -12.11 -27.49
C LEU C 11 11.29 -11.18 -26.30
N ILE C 12 10.09 -11.04 -25.73
CA ILE C 12 9.90 -10.21 -24.56
C ILE C 12 10.69 -10.74 -23.35
N LEU C 13 10.71 -12.06 -23.18
CA LEU C 13 11.50 -12.67 -22.12
C LEU C 13 12.96 -12.27 -22.23
N GLN C 14 13.50 -12.31 -23.44
CA GLN C 14 14.89 -11.93 -23.66
C GLN C 14 15.12 -10.46 -23.30
N PHE C 15 14.20 -9.60 -23.72
CA PHE C 15 14.29 -8.17 -23.44
C PHE C 15 14.36 -7.95 -21.96
N LEU C 16 13.40 -8.53 -21.25
CA LEU C 16 13.30 -8.43 -19.80
C LEU C 16 14.59 -8.90 -19.11
N ASP C 17 15.15 -9.99 -19.58
CA ASP C 17 16.38 -10.52 -18.98
C ASP C 17 17.52 -9.54 -19.19
N GLU C 18 17.60 -8.96 -20.38
CA GLU C 18 18.64 -7.99 -20.71
C GLU C 18 18.51 -6.69 -19.92
N GLU C 19 17.28 -6.28 -19.62
CA GLU C 19 17.05 -5.09 -18.80
C GLU C 19 17.12 -5.45 -17.30
N LYS C 20 17.36 -6.73 -17.05
CA LYS C 20 17.57 -7.30 -15.72
C LYS C 20 16.34 -7.14 -14.82
N PHE C 21 15.14 -7.27 -15.38
CA PHE C 21 13.98 -7.29 -14.51
C PHE C 21 13.69 -8.77 -14.20
N LYS C 22 14.25 -9.27 -13.11
CA LYS C 22 14.34 -10.72 -12.88
C LYS C 22 12.98 -11.29 -12.53
N GLU C 23 12.29 -10.60 -11.63
CA GLU C 23 11.01 -11.05 -11.11
C GLU C 23 9.97 -11.04 -12.21
N THR C 24 10.07 -10.05 -13.10
CA THR C 24 9.13 -9.94 -14.21
C THR C 24 9.35 -11.10 -15.18
N VAL C 25 10.60 -11.48 -15.38
CA VAL C 25 10.90 -12.57 -16.28
C VAL C 25 10.14 -13.81 -15.86
N HIS C 26 10.20 -14.13 -14.57
CA HIS C 26 9.64 -15.38 -14.09
C HIS C 26 8.12 -15.33 -13.94
N LYS C 27 7.56 -14.14 -13.71
CA LYS C 27 6.11 -14.03 -13.73
C LYS C 27 5.58 -14.27 -15.14
N LEU C 28 6.31 -13.78 -16.14
CA LEU C 28 5.88 -13.94 -17.52
C LEU C 28 6.01 -15.40 -17.93
N GLU C 29 7.08 -16.05 -17.49
CA GLU C 29 7.26 -17.49 -17.72
C GLU C 29 6.07 -18.25 -17.15
N GLN C 30 5.75 -17.93 -15.90
CA GLN C 30 4.66 -18.56 -15.16
C GLN C 30 3.30 -18.33 -15.79
N GLU C 31 2.97 -17.07 -16.06
CA GLU C 31 1.64 -16.74 -16.54
C GLU C 31 1.43 -17.18 -18.00
N SER C 32 2.45 -17.11 -18.84
CA SER C 32 2.34 -17.57 -20.23
C SER C 32 2.47 -19.09 -20.33
N GLY C 33 3.22 -19.68 -19.41
CA GLY C 33 3.50 -21.09 -19.45
C GLY C 33 4.28 -21.57 -20.67
N PHE C 34 4.95 -20.66 -21.35
CA PHE C 34 5.71 -21.04 -22.54
C PHE C 34 7.09 -21.61 -22.26
N PHE C 35 7.73 -21.16 -21.18
CA PHE C 35 9.08 -21.61 -20.88
C PHE C 35 9.28 -21.88 -19.39
N PHE C 36 9.73 -23.08 -19.07
CA PHE C 36 9.99 -23.43 -17.69
C PHE C 36 11.49 -23.30 -17.40
N ASN C 37 11.84 -22.48 -16.42
CA ASN C 37 13.22 -22.14 -16.20
C ASN C 37 13.81 -22.99 -15.08
N MET C 38 14.58 -24.01 -15.45
CA MET C 38 15.14 -24.94 -14.47
C MET C 38 15.99 -24.27 -13.43
N LYS C 39 16.94 -23.48 -13.93
CA LYS C 39 17.90 -22.77 -13.10
C LYS C 39 17.15 -22.01 -12.01
N TYR C 40 16.08 -21.32 -12.39
CA TYR C 40 15.25 -20.60 -11.43
C TYR C 40 14.56 -21.56 -10.48
N PHE C 41 13.97 -22.60 -11.03
CA PHE C 41 13.29 -23.59 -10.19
C PHE C 41 14.22 -24.17 -9.12
N GLU C 42 15.42 -24.61 -9.52
CA GLU C 42 16.37 -25.19 -8.58
C GLU C 42 16.67 -24.21 -7.47
N GLU C 43 16.94 -22.98 -7.87
CA GLU C 43 17.27 -21.91 -6.94
C GLU C 43 16.17 -21.72 -5.89
N LYS C 44 14.90 -21.71 -6.30
CA LYS C 44 13.83 -21.55 -5.33
C LYS C 44 13.68 -22.80 -4.45
N VAL C 45 13.88 -23.97 -5.01
CA VAL C 45 13.80 -25.19 -4.20
C VAL C 45 14.86 -25.23 -3.13
N HIS C 46 16.11 -24.96 -3.51
CA HIS C 46 17.21 -24.88 -2.55
C HIS C 46 16.92 -23.89 -1.43
N ALA C 47 16.29 -22.77 -1.79
CA ALA C 47 15.97 -21.73 -0.82
C ALA C 47 14.78 -22.12 0.04
N GLY C 48 14.13 -23.21 -0.33
CA GLY C 48 12.93 -23.63 0.35
C GLY C 48 11.82 -22.62 0.23
N GLU C 49 11.74 -21.93 -0.92
CA GLU C 49 10.65 -20.99 -1.06
C GLU C 49 9.54 -21.79 -1.65
N TRP C 50 8.70 -22.40 -0.82
CA TRP C 50 7.83 -23.43 -1.33
C TRP C 50 6.61 -22.79 -1.94
N ASP C 51 6.18 -21.68 -1.36
CA ASP C 51 5.02 -20.98 -1.88
C ASP C 51 5.28 -20.51 -3.30
N GLU C 52 6.48 -20.02 -3.57
CA GLU C 52 6.80 -19.54 -4.90
C GLU C 52 6.97 -20.73 -5.84
N VAL C 53 7.59 -21.81 -5.35
CA VAL C 53 7.77 -23.03 -6.14
C VAL C 53 6.43 -23.59 -6.67
N GLU C 54 5.44 -23.70 -5.80
CA GLU C 54 4.13 -24.20 -6.21
C GLU C 54 3.39 -23.24 -7.14
N LYS C 55 3.57 -21.94 -6.87
CA LYS C 55 2.99 -20.88 -7.68
C LYS C 55 3.60 -20.91 -9.09
N TYR C 56 4.93 -21.07 -9.16
CA TYR C 56 5.62 -21.12 -10.43
C TYR C 56 5.21 -22.37 -11.20
N LEU C 57 5.24 -23.53 -10.53
CA LEU C 57 4.78 -24.76 -11.18
C LEU C 57 3.37 -24.67 -11.70
N SER C 58 2.52 -23.99 -10.94
CA SER C 58 1.11 -23.96 -11.27
C SER C 58 0.85 -23.31 -12.63
N GLY C 59 1.86 -22.66 -13.18
CA GLY C 59 1.72 -22.07 -14.50
C GLY C 59 1.88 -23.10 -15.60
N PHE C 60 2.35 -24.27 -15.21
CA PHE C 60 2.70 -25.34 -16.14
C PHE C 60 1.83 -26.58 -16.01
N THR C 61 1.59 -27.03 -14.79
CA THR C 61 0.82 -28.24 -14.58
C THR C 61 0.08 -28.17 -13.25
N LYS C 62 -1.05 -28.87 -13.15
CA LYS C 62 -1.81 -29.00 -11.91
C LYS C 62 -1.41 -30.31 -11.28
N VAL C 63 -1.88 -30.59 -10.06
CA VAL C 63 -1.34 -31.75 -9.35
C VAL C 63 -1.71 -33.09 -10.01
N ASP C 64 -2.92 -33.19 -10.53
CA ASP C 64 -3.45 -34.45 -11.05
C ASP C 64 -3.38 -34.62 -12.57
N ASP C 65 -2.61 -33.77 -13.25
CA ASP C 65 -2.53 -33.84 -14.71
C ASP C 65 -1.99 -35.18 -15.21
N ASN C 66 -1.03 -35.77 -14.50
CA ASN C 66 -0.42 -37.05 -14.89
C ASN C 66 0.50 -37.55 -13.78
N ARG C 67 0.94 -38.81 -13.88
CA ARG C 67 1.74 -39.40 -12.80
C ARG C 67 3.05 -38.67 -12.49
N TYR C 68 3.65 -38.09 -13.51
CA TYR C 68 4.88 -37.34 -13.31
C TYR C 68 4.59 -36.14 -12.46
N SER C 69 3.65 -35.34 -12.91
CA SER C 69 3.35 -34.11 -12.23
C SER C 69 2.75 -34.39 -10.81
N MET C 70 2.13 -35.55 -10.63
CA MET C 70 1.57 -35.87 -9.33
C MET C 70 2.72 -36.22 -8.34
N LYS C 71 3.75 -36.93 -8.80
CA LYS C 71 4.90 -37.22 -7.94
C LYS C 71 5.69 -35.95 -7.63
N ILE C 72 5.74 -35.04 -8.59
CA ILE C 72 6.44 -33.77 -8.41
C ILE C 72 5.86 -33.02 -7.21
N PHE C 73 4.55 -32.80 -7.24
CA PHE C 73 3.91 -32.12 -6.12
C PHE C 73 4.01 -32.92 -4.84
N PHE C 74 3.83 -34.24 -4.93
CA PHE C 74 3.93 -35.05 -3.73
C PHE C 74 5.29 -34.94 -3.10
N GLU C 75 6.35 -35.05 -3.91
CA GLU C 75 7.68 -34.95 -3.33
C GLU C 75 7.87 -33.58 -2.67
N ILE C 76 7.43 -32.50 -3.33
CA ILE C 76 7.60 -31.16 -2.79
C ILE C 76 6.87 -31.00 -1.47
N ARG C 77 5.62 -31.43 -1.41
CA ARG C 77 4.85 -31.23 -0.19
C ARG C 77 5.34 -32.09 0.97
N LYS C 78 5.83 -33.29 0.63
CA LYS C 78 6.44 -34.17 1.62
C LYS C 78 7.60 -33.46 2.30
N GLN C 79 8.49 -32.88 1.51
CA GLN C 79 9.67 -32.19 2.07
C GLN C 79 9.27 -31.00 2.94
N LYS C 80 8.24 -30.29 2.48
CA LYS C 80 7.66 -29.16 3.20
C LYS C 80 7.26 -29.63 4.60
N TYR C 81 6.57 -30.75 4.63
CA TYR C 81 6.13 -31.39 5.86
C TYR C 81 7.26 -31.83 6.78
N LEU C 82 8.26 -32.49 6.20
CA LEU C 82 9.37 -32.97 7.02
C LEU C 82 10.12 -31.82 7.68
N GLU C 83 10.36 -30.75 6.94
CA GLU C 83 11.01 -29.58 7.51
C GLU C 83 10.20 -28.97 8.64
N ALA C 84 8.88 -29.00 8.53
CA ALA C 84 8.03 -28.51 9.61
C ALA C 84 8.20 -29.37 10.87
N LEU C 85 8.27 -30.69 10.69
CA LEU C 85 8.50 -31.59 11.81
C LEU C 85 9.87 -31.36 12.44
N ASP C 86 10.86 -31.12 11.58
CA ASP C 86 12.26 -31.01 12.00
C ASP C 86 12.50 -29.73 12.82
N ARG C 87 11.71 -28.68 12.57
CA ARG C 87 11.85 -27.45 13.33
C ARG C 87 10.89 -27.49 14.51
N HIS C 88 10.26 -28.65 14.68
CA HIS C 88 9.35 -28.93 15.78
C HIS C 88 8.15 -27.99 15.79
N ASP C 89 7.69 -27.60 14.62
CA ASP C 89 6.49 -26.79 14.56
C ASP C 89 5.36 -27.73 14.16
N ARG C 90 4.67 -28.28 15.16
CA ARG C 90 3.74 -29.37 14.87
C ARG C 90 2.42 -28.81 14.39
N ALA C 91 2.08 -27.61 14.84
CA ALA C 91 0.92 -26.90 14.34
C ALA C 91 0.99 -26.69 12.81
N LYS C 92 2.17 -26.32 12.32
CA LYS C 92 2.36 -26.08 10.91
C LYS C 92 2.37 -27.41 10.17
N ALA C 93 3.00 -28.42 10.78
CA ALA C 93 3.12 -29.74 10.16
C ALA C 93 1.74 -30.34 9.89
N VAL C 94 0.82 -30.19 10.84
CA VAL C 94 -0.52 -30.72 10.66
C VAL C 94 -1.25 -29.88 9.61
N ASP C 95 -0.98 -28.57 9.59
CA ASP C 95 -1.62 -27.72 8.60
C ASP C 95 -1.22 -28.19 7.19
N ILE C 96 0.07 -28.47 7.00
CA ILE C 96 0.55 -28.97 5.72
C ILE C 96 -0.09 -30.31 5.39
N LEU C 97 -0.16 -31.18 6.39
CA LEU C 97 -0.70 -32.52 6.22
C LEU C 97 -2.15 -32.50 5.75
N VAL C 98 -2.93 -31.57 6.29
CA VAL C 98 -4.33 -31.43 5.91
C VAL C 98 -4.54 -30.64 4.61
N LYS C 99 -3.88 -29.51 4.44
CA LYS C 99 -4.09 -28.70 3.24
C LYS C 99 -3.43 -29.25 1.99
N ASP C 100 -2.16 -29.58 2.11
CA ASP C 100 -1.33 -29.97 0.98
C ASP C 100 -1.29 -31.46 0.67
N LEU C 101 -1.19 -32.30 1.70
CA LEU C 101 -1.00 -33.72 1.46
C LEU C 101 -2.26 -34.58 1.39
N LYS C 102 -3.40 -34.05 1.83
CA LYS C 102 -4.64 -34.84 1.88
C LYS C 102 -5.08 -35.29 0.50
N VAL C 103 -4.81 -34.47 -0.51
CA VAL C 103 -5.20 -34.81 -1.88
C VAL C 103 -4.65 -36.17 -2.30
N PHE C 104 -3.51 -36.56 -1.74
CA PHE C 104 -2.91 -37.82 -2.14
C PHE C 104 -3.49 -39.01 -1.40
N SER C 105 -4.29 -38.76 -0.37
CA SER C 105 -4.80 -39.87 0.43
C SER C 105 -5.75 -40.75 -0.37
N THR C 106 -6.52 -40.15 -1.27
CA THR C 106 -7.56 -40.88 -2.01
C THR C 106 -7.00 -42.10 -2.73
N PHE C 107 -5.90 -41.94 -3.44
CA PHE C 107 -5.28 -43.10 -4.09
C PHE C 107 -4.19 -43.84 -3.31
N ASN C 108 -3.66 -43.24 -2.26
CA ASN C 108 -2.83 -44.02 -1.36
C ASN C 108 -3.33 -43.79 0.05
N GLU C 109 -4.21 -44.65 0.56
CA GLU C 109 -4.78 -44.41 1.88
C GLU C 109 -3.69 -44.67 2.86
N GLU C 110 -3.02 -45.79 2.62
CA GLU C 110 -2.03 -46.30 3.51
C GLU C 110 -0.85 -45.37 3.68
N LEU C 111 -0.37 -44.80 2.59
CA LEU C 111 0.76 -43.89 2.67
C LEU C 111 0.43 -42.65 3.48
N TYR C 112 -0.77 -42.11 3.28
CA TYR C 112 -1.20 -40.94 4.03
C TYR C 112 -1.18 -41.22 5.54
N LYS C 113 -1.67 -42.40 5.91
CA LYS C 113 -1.67 -42.83 7.30
C LYS C 113 -0.24 -42.89 7.85
N GLU C 114 0.66 -43.50 7.07
CA GLU C 114 2.07 -43.62 7.43
C GLU C 114 2.74 -42.26 7.63
N ILE C 115 2.39 -41.31 6.76
CA ILE C 115 2.94 -39.97 6.84
C ILE C 115 2.37 -39.23 8.06
N THR C 116 1.06 -39.41 8.30
CA THR C 116 0.43 -38.86 9.48
C THR C 116 1.16 -39.29 10.76
N GLN C 117 1.49 -40.58 10.85
CA GLN C 117 2.06 -41.14 12.08
C GLN C 117 3.47 -40.64 12.36
N LEU C 118 4.09 -39.97 11.39
CA LEU C 118 5.38 -39.37 11.64
C LEU C 118 5.34 -38.27 12.72
N LEU C 119 4.15 -37.72 12.94
CA LEU C 119 3.94 -36.68 13.94
C LEU C 119 4.30 -37.14 15.32
N THR C 120 4.11 -38.43 15.58
CA THR C 120 4.24 -38.95 16.93
C THR C 120 5.64 -39.48 17.22
N LEU C 121 6.54 -39.43 16.23
CA LEU C 121 7.91 -39.89 16.45
C LEU C 121 8.75 -38.80 17.10
N GLU C 122 9.69 -39.20 17.94
CA GLU C 122 10.64 -38.27 18.53
C GLU C 122 11.41 -37.61 17.38
N ASN C 123 11.85 -38.43 16.45
CA ASN C 123 12.57 -38.00 15.25
C ASN C 123 12.15 -38.87 14.07
N PHE C 124 11.71 -38.28 12.97
CA PHE C 124 11.11 -39.10 11.93
C PHE C 124 12.11 -40.05 11.27
N ARG C 125 13.38 -39.86 11.58
CA ARG C 125 14.43 -40.75 11.08
C ARG C 125 14.39 -42.11 11.76
N GLU C 126 13.49 -42.25 12.75
CA GLU C 126 13.23 -43.53 13.40
C GLU C 126 12.50 -44.44 12.43
N ASN C 127 11.80 -43.82 11.48
CA ASN C 127 11.17 -44.54 10.38
C ASN C 127 12.23 -45.04 9.43
N GLU C 128 12.17 -46.33 9.09
CA GLU C 128 13.29 -46.94 8.38
C GLU C 128 13.43 -46.41 6.98
N GLN C 129 12.33 -45.95 6.39
CA GLN C 129 12.42 -45.41 5.03
C GLN C 129 13.09 -44.04 5.02
N LEU C 130 12.92 -43.30 6.11
CA LEU C 130 13.49 -41.96 6.27
C LEU C 130 14.79 -41.90 7.07
N SER C 131 15.33 -43.06 7.42
CA SER C 131 16.48 -43.16 8.31
C SER C 131 17.74 -42.44 7.81
N LYS C 132 17.74 -42.07 6.54
CA LYS C 132 18.88 -41.47 5.85
C LYS C 132 18.92 -39.95 5.75
N TYR C 133 17.95 -39.25 6.32
CA TYR C 133 17.81 -37.82 6.11
C TYR C 133 18.63 -36.84 6.98
N GLY C 134 19.56 -36.16 6.34
CA GLY C 134 20.23 -35.05 6.97
C GLY C 134 20.88 -34.41 5.77
N ASP C 135 21.05 -33.11 5.81
CA ASP C 135 20.31 -32.22 6.67
C ASP C 135 19.45 -31.43 5.68
N THR C 136 18.65 -30.48 6.15
CA THR C 136 17.72 -29.77 5.27
C THR C 136 18.42 -29.41 3.96
N LYS C 137 19.63 -28.87 4.03
CA LYS C 137 20.39 -28.57 2.84
C LYS C 137 20.54 -29.79 1.91
N SER C 138 20.89 -30.94 2.47
CA SER C 138 21.17 -32.15 1.68
C SER C 138 19.92 -32.84 1.17
N ALA C 139 18.87 -32.82 1.99
CA ALA C 139 17.61 -33.43 1.61
C ALA C 139 17.01 -32.75 0.39
N ARG C 140 17.05 -31.42 0.39
CA ARG C 140 16.55 -30.62 -0.73
C ARG C 140 17.27 -30.97 -2.02
N SER C 141 18.60 -31.07 -1.93
CA SER C 141 19.43 -31.36 -3.10
C SER C 141 19.13 -32.72 -3.70
N ILE C 142 18.92 -33.72 -2.83
CA ILE C 142 18.60 -35.08 -3.28
C ILE C 142 17.26 -35.08 -4.00
N MET C 143 16.29 -34.43 -3.37
CA MET C 143 14.96 -34.30 -3.92
C MET C 143 14.90 -33.55 -5.24
N LEU C 144 15.78 -32.55 -5.37
CA LEU C 144 15.85 -31.73 -6.57
C LEU C 144 16.30 -32.56 -7.76
N ILE C 145 17.27 -33.44 -7.53
CA ILE C 145 17.77 -34.31 -8.58
C ILE C 145 16.62 -35.13 -9.14
N GLU C 146 15.78 -35.61 -8.23
CA GLU C 146 14.60 -36.39 -8.57
C GLU C 146 13.60 -35.53 -9.35
N LEU C 147 13.36 -34.31 -8.87
CA LEU C 147 12.45 -33.38 -9.53
C LEU C 147 12.86 -33.08 -10.98
N LYS C 148 14.14 -32.82 -11.21
CA LYS C 148 14.63 -32.56 -12.57
C LYS C 148 14.24 -33.66 -13.54
N LYS C 149 14.44 -34.90 -13.10
CA LYS C 149 14.18 -36.07 -13.92
C LYS C 149 12.70 -36.19 -14.20
N LEU C 150 11.91 -36.01 -13.15
CA LEU C 150 10.46 -36.06 -13.26
C LEU C 150 9.93 -35.03 -14.26
N ILE C 151 10.49 -33.82 -14.20
CA ILE C 151 10.06 -32.74 -15.06
C ILE C 151 10.49 -33.02 -16.48
N GLU C 152 11.75 -33.43 -16.65
CA GLU C 152 12.28 -33.71 -17.97
C GLU C 152 11.51 -34.82 -18.68
N ALA C 153 11.02 -35.80 -17.92
CA ALA C 153 10.20 -36.86 -18.50
C ALA C 153 8.73 -36.46 -18.68
N ASN C 154 8.28 -35.46 -17.95
CA ASN C 154 6.89 -35.04 -18.01
C ASN C 154 6.56 -34.46 -19.40
N PRO C 155 5.56 -35.06 -20.08
CA PRO C 155 5.12 -34.62 -21.42
C PRO C 155 4.66 -33.17 -21.47
N LEU C 156 4.26 -32.60 -20.34
CA LEU C 156 3.72 -31.23 -20.33
C LEU C 156 4.79 -30.17 -20.34
N PHE C 157 6.02 -30.56 -20.09
CA PHE C 157 7.18 -29.67 -20.13
C PHE C 157 7.98 -29.83 -21.41
N ARG C 158 7.52 -30.73 -22.28
CA ARG C 158 8.39 -31.36 -23.25
C ARG C 158 8.99 -30.35 -24.23
N GLU C 159 8.21 -29.38 -24.67
CA GLU C 159 8.75 -28.37 -25.56
C GLU C 159 9.15 -27.08 -24.84
N LYS C 160 9.06 -27.11 -23.51
CA LYS C 160 9.29 -25.90 -22.71
C LYS C 160 10.62 -25.75 -21.96
N LEU C 161 11.56 -26.68 -22.10
CA LEU C 161 12.73 -26.63 -21.21
C LEU C 161 13.97 -26.01 -21.81
N VAL C 162 13.95 -25.69 -23.10
CA VAL C 162 15.14 -25.15 -23.71
C VAL C 162 14.80 -23.79 -24.30
N PHE C 163 15.55 -22.79 -23.87
CA PHE C 163 15.29 -21.48 -24.38
C PHE C 163 15.78 -21.44 -25.82
N PRO C 164 15.02 -20.75 -26.67
CA PRO C 164 15.44 -20.63 -28.06
C PRO C 164 16.72 -19.85 -28.04
N THR C 165 17.46 -19.89 -29.12
CA THR C 165 18.73 -19.21 -29.07
C THR C 165 18.55 -18.10 -30.08
N LEU C 166 18.84 -16.87 -29.66
CA LEU C 166 18.58 -15.71 -30.49
C LEU C 166 19.79 -14.80 -30.46
N LYS C 167 19.93 -13.96 -31.47
CA LYS C 167 20.89 -12.88 -31.35
C LYS C 167 20.46 -11.99 -30.21
N ALA C 168 21.42 -11.30 -29.62
CA ALA C 168 21.13 -10.35 -28.58
C ALA C 168 20.08 -9.35 -29.04
N SER C 169 19.19 -8.99 -28.13
CA SER C 169 18.24 -7.90 -28.31
C SER C 169 17.42 -8.00 -29.59
N ARG C 170 16.90 -9.18 -29.88
CA ARG C 170 16.10 -9.37 -31.08
C ARG C 170 14.89 -8.45 -31.12
N LEU C 171 14.21 -8.29 -29.99
CA LEU C 171 13.03 -7.42 -29.97
C LEU C 171 13.40 -6.00 -30.33
N ARG C 172 14.50 -5.49 -29.77
CA ARG C 172 14.96 -4.15 -30.14
C ARG C 172 15.27 -4.08 -31.61
N THR C 173 15.81 -5.17 -32.16
CA THR C 173 16.15 -5.20 -33.59
C THR C 173 14.87 -5.08 -34.44
N LEU C 174 13.86 -5.88 -34.09
CA LEU C 174 12.60 -5.84 -34.80
C LEU C 174 11.99 -4.46 -34.77
N ILE C 175 11.87 -3.88 -33.58
CA ILE C 175 11.32 -2.52 -33.43
C ILE C 175 12.01 -1.54 -34.39
N ASN C 176 13.33 -1.64 -34.48
CA ASN C 176 14.10 -0.76 -35.35
C ASN C 176 13.71 -0.91 -36.82
N GLN C 177 13.47 -2.14 -37.24
CA GLN C 177 12.95 -2.42 -38.58
C GLN C 177 11.57 -1.79 -38.82
N SER C 178 10.71 -1.79 -37.81
CA SER C 178 9.40 -1.16 -37.95
C SER C 178 9.53 0.33 -38.22
N LEU C 179 10.57 0.93 -37.68
CA LEU C 179 10.80 2.34 -37.91
C LEU C 179 11.27 2.52 -39.34
N ASN C 180 12.05 1.57 -39.82
CA ASN C 180 12.50 1.62 -41.20
C ASN C 180 11.37 1.44 -42.19
N TRP C 181 10.45 0.53 -41.89
CA TRP C 181 9.31 0.31 -42.77
C TRP C 181 8.38 1.48 -42.71
N GLN C 182 8.21 2.06 -41.52
CA GLN C 182 7.37 3.25 -41.41
C GLN C 182 7.90 4.36 -42.28
N HIS C 183 9.21 4.56 -42.25
CA HIS C 183 9.84 5.66 -42.96
C HIS C 183 9.94 5.43 -44.44
N GLN C 184 10.08 4.19 -44.86
CA GLN C 184 10.20 3.92 -46.29
C GLN C 184 8.84 4.14 -47.00
N LEU C 185 7.74 4.10 -46.25
CA LEU C 185 6.56 4.84 -46.69
C LEU C 185 6.66 6.18 -46.01
N CYS C 186 7.07 7.21 -46.71
CA CYS C 186 7.16 8.55 -46.13
C CYS C 186 7.10 9.38 -47.36
N LYS C 187 7.40 10.65 -47.25
CA LYS C 187 7.47 11.48 -48.42
C LYS C 187 8.63 12.44 -48.29
N ASN C 188 9.48 12.45 -49.32
CA ASN C 188 10.59 13.39 -49.41
C ASN C 188 11.39 13.59 -48.13
N PRO C 189 11.74 12.51 -47.45
CA PRO C 189 12.52 12.75 -46.23
C PRO C 189 13.97 12.99 -46.57
N ARG C 190 14.74 13.62 -45.70
CA ARG C 190 16.15 13.62 -46.00
C ARG C 190 16.61 12.37 -45.30
N PRO C 191 17.86 11.94 -45.51
CA PRO C 191 18.15 10.81 -44.65
C PRO C 191 18.36 11.31 -43.22
N ASN C 192 17.33 11.88 -42.57
CA ASN C 192 17.49 12.18 -41.16
C ASN C 192 17.26 10.86 -40.38
N PRO C 193 16.03 10.24 -40.43
CA PRO C 193 14.73 10.91 -40.31
C PRO C 193 14.44 11.11 -38.82
N ASP C 194 13.69 12.12 -38.41
CA ASP C 194 13.52 12.24 -36.97
C ASP C 194 12.37 11.41 -36.48
N ILE C 195 12.67 10.48 -35.59
CA ILE C 195 11.64 9.61 -35.04
C ILE C 195 11.23 10.09 -33.66
N LYS C 196 9.96 10.46 -33.52
CA LYS C 196 9.45 11.01 -32.26
C LYS C 196 9.07 9.98 -31.21
N THR C 197 8.43 8.91 -31.65
CA THR C 197 7.89 7.95 -30.72
C THR C 197 7.70 6.57 -31.34
N LEU C 198 7.53 5.56 -30.50
CA LEU C 198 7.10 4.27 -30.99
C LEU C 198 5.59 4.16 -30.91
N PHE C 199 4.96 5.14 -30.27
CA PHE C 199 3.56 5.05 -29.87
C PHE C 199 2.59 5.24 -31.02
N THR C 200 3.02 6.03 -32.00
CA THR C 200 2.28 6.24 -33.23
C THR C 200 3.26 6.28 -34.36
N ASP C 201 2.84 5.87 -35.56
CA ASP C 201 3.73 5.73 -36.71
C ASP C 201 4.42 7.05 -37.04
N HIS C 202 5.68 6.96 -37.44
CA HIS C 202 6.45 8.11 -37.88
C HIS C 202 5.96 8.61 -39.24
N THR C 203 6.13 9.91 -39.48
CA THR C 203 6.00 10.53 -40.82
C THR C 203 6.95 11.71 -40.91
N CYS C 204 7.41 12.06 -42.11
CA CYS C 204 8.42 13.13 -42.25
C CYS C 204 7.97 14.59 -42.22
N THR C 205 6.95 14.91 -42.99
CA THR C 205 6.38 16.24 -42.86
C THR C 205 4.89 15.92 -43.05
N PRO C 206 4.02 16.42 -42.16
CA PRO C 206 4.35 16.89 -40.81
C PRO C 206 4.56 15.74 -39.82
N MET D 1 11.97 9.00 -28.94
CA MET D 1 12.86 10.10 -29.31
C MET D 1 13.91 10.32 -28.23
N SER D 2 13.73 9.65 -27.09
CA SER D 2 14.51 9.96 -25.90
C SER D 2 15.06 8.63 -25.41
N SER D 3 14.15 7.74 -25.07
CA SER D 3 14.51 6.40 -24.67
C SER D 3 13.69 5.32 -25.36
N LEU D 4 14.36 4.52 -26.19
CA LEU D 4 13.73 3.40 -26.88
C LEU D 4 13.33 2.38 -25.84
N SER D 5 14.27 2.03 -24.97
CA SER D 5 14.02 1.07 -23.91
C SER D 5 12.79 1.43 -23.11
N ARG D 6 12.73 2.69 -22.72
CA ARG D 6 11.62 3.13 -21.89
C ARG D 6 10.30 3.04 -22.64
N GLU D 7 10.31 3.49 -23.88
CA GLU D 7 9.10 3.43 -24.67
C GLU D 7 8.66 1.99 -24.93
N LEU D 8 9.63 1.12 -25.16
CA LEU D 8 9.35 -0.28 -25.43
C LEU D 8 8.68 -0.95 -24.23
N VAL D 9 9.08 -0.55 -23.03
CA VAL D 9 8.47 -1.09 -21.80
C VAL D 9 6.97 -0.83 -21.77
N PHE D 10 6.57 0.36 -22.19
CA PHE D 10 5.15 0.70 -22.23
C PHE D 10 4.37 -0.16 -23.23
N LEU D 11 4.95 -0.36 -24.41
CA LEU D 11 4.34 -1.24 -25.40
C LEU D 11 4.16 -2.66 -24.84
N ILE D 12 5.18 -3.13 -24.15
CA ILE D 12 5.12 -4.44 -23.52
C ILE D 12 4.05 -4.47 -22.42
N LEU D 13 3.96 -3.38 -21.64
CA LEU D 13 2.93 -3.26 -20.62
C LEU D 13 1.55 -3.39 -21.25
N GLN D 14 1.34 -2.72 -22.37
CA GLN D 14 0.07 -2.79 -23.06
C GLN D 14 -0.20 -4.21 -23.55
N PHE D 15 0.80 -4.82 -24.17
CA PHE D 15 0.69 -6.19 -24.67
C PHE D 15 0.34 -7.13 -23.53
N LEU D 16 1.13 -7.07 -22.45
CA LEU D 16 0.88 -7.91 -21.29
C LEU D 16 -0.53 -7.78 -20.74
N ASP D 17 -1.03 -6.55 -20.67
CA ASP D 17 -2.37 -6.32 -20.16
C ASP D 17 -3.41 -6.93 -21.11
N GLU D 18 -3.18 -6.83 -22.41
CA GLU D 18 -4.11 -7.40 -23.38
C GLU D 18 -4.13 -8.93 -23.34
N GLU D 19 -2.98 -9.54 -23.05
CA GLU D 19 -2.91 -10.99 -22.93
C GLU D 19 -3.31 -11.45 -21.52
N LYS D 20 -3.69 -10.47 -20.70
CA LYS D 20 -4.23 -10.75 -19.37
C LYS D 20 -3.21 -11.46 -18.47
N PHE D 21 -1.95 -11.06 -18.60
CA PHE D 21 -0.94 -11.53 -17.67
C PHE D 21 -0.85 -10.44 -16.62
N LYS D 22 -1.64 -10.59 -15.55
CA LYS D 22 -1.89 -9.46 -14.67
C LYS D 22 -0.70 -9.20 -13.79
N GLU D 23 -0.19 -10.29 -13.21
CA GLU D 23 0.90 -10.22 -12.26
C GLU D 23 2.18 -9.73 -12.94
N THR D 24 2.34 -10.13 -14.20
CA THR D 24 3.53 -9.74 -14.92
C THR D 24 3.50 -8.24 -15.19
N VAL D 25 2.30 -7.71 -15.44
CA VAL D 25 2.16 -6.28 -15.71
C VAL D 25 2.71 -5.48 -14.56
N HIS D 26 2.32 -5.87 -13.35
CA HIS D 26 2.66 -5.09 -12.17
C HIS D 26 4.09 -5.33 -11.69
N LYS D 27 4.66 -6.50 -11.97
CA LYS D 27 6.09 -6.67 -11.69
C LYS D 27 6.91 -5.78 -12.58
N LEU D 28 6.47 -5.63 -13.84
CA LEU D 28 7.21 -4.82 -14.79
C LEU D 28 7.10 -3.34 -14.44
N GLU D 29 5.92 -2.90 -14.01
CA GLU D 29 5.75 -1.53 -13.55
C GLU D 29 6.74 -1.25 -12.43
N GLN D 30 6.75 -2.17 -11.47
CA GLN D 30 7.62 -2.10 -10.32
C GLN D 30 9.11 -2.12 -10.65
N GLU D 31 9.54 -3.10 -11.42
CA GLU D 31 10.97 -3.29 -11.65
C GLU D 31 11.54 -2.22 -12.59
N SER D 32 10.74 -1.78 -13.56
CA SER D 32 11.17 -0.73 -14.48
C SER D 32 11.08 0.64 -13.82
N GLY D 33 10.13 0.77 -12.90
CA GLY D 33 9.85 2.03 -12.24
C GLY D 33 9.39 3.15 -13.15
N PHE D 34 8.92 2.81 -14.34
CA PHE D 34 8.46 3.81 -15.31
C PHE D 34 7.03 4.32 -15.13
N PHE D 35 6.15 3.47 -14.60
CA PHE D 35 4.75 3.82 -14.43
C PHE D 35 4.21 3.30 -13.12
N PHE D 36 3.66 4.19 -12.32
CA PHE D 36 3.02 3.81 -11.06
C PHE D 36 1.53 3.68 -11.29
N ASN D 37 0.97 2.52 -11.00
CA ASN D 37 -0.40 2.25 -11.38
C ASN D 37 -1.30 2.52 -10.19
N MET D 38 -1.98 3.66 -10.23
CA MET D 38 -2.82 4.08 -9.12
C MET D 38 -3.91 3.07 -8.82
N LYS D 39 -4.65 2.73 -9.87
CA LYS D 39 -5.76 1.81 -9.76
C LYS D 39 -5.34 0.52 -9.05
N TYR D 40 -4.19 -0.02 -9.44
CA TYR D 40 -3.66 -1.23 -8.82
C TYR D 40 -3.34 -0.99 -7.36
N PHE D 41 -2.67 0.13 -7.09
CA PHE D 41 -2.32 0.49 -5.72
C PHE D 41 -3.53 0.54 -4.78
N GLU D 42 -4.58 1.23 -5.21
CA GLU D 42 -5.81 1.37 -4.42
C GLU D 42 -6.39 0.00 -4.12
N GLU D 43 -6.49 -0.81 -5.16
CA GLU D 43 -7.03 -2.14 -5.06
C GLU D 43 -6.30 -2.99 -4.00
N LYS D 44 -4.98 -2.96 -4.03
CA LYS D 44 -4.18 -3.72 -3.07
C LYS D 44 -4.30 -3.16 -1.64
N VAL D 45 -4.40 -1.84 -1.51
CA VAL D 45 -4.56 -1.24 -0.19
C VAL D 45 -5.89 -1.65 0.45
N HIS D 46 -6.99 -1.53 -0.32
CA HIS D 46 -8.31 -1.96 0.16
C HIS D 46 -8.30 -3.40 0.61
N ALA D 47 -7.57 -4.23 -0.12
CA ALA D 47 -7.49 -5.65 0.22
C ALA D 47 -6.57 -5.88 1.41
N GLY D 48 -5.88 -4.82 1.84
CA GLY D 48 -4.93 -4.94 2.92
C GLY D 48 -3.76 -5.86 2.66
N GLU D 49 -3.27 -5.92 1.41
CA GLU D 49 -2.13 -6.78 1.15
C GLU D 49 -0.90 -5.94 1.38
N TRP D 50 -0.36 -5.96 2.59
CA TRP D 50 0.61 -4.93 2.94
C TRP D 50 1.98 -5.29 2.42
N ASP D 51 2.30 -6.59 2.42
CA ASP D 51 3.62 -7.00 1.97
C ASP D 51 3.78 -6.59 0.53
N GLU D 52 2.71 -6.76 -0.25
CA GLU D 52 2.75 -6.43 -1.67
C GLU D 52 2.75 -4.93 -1.92
N VAL D 53 1.96 -4.19 -1.15
CA VAL D 53 1.92 -2.73 -1.27
C VAL D 53 3.31 -2.10 -1.09
N GLU D 54 4.02 -2.53 -0.05
CA GLU D 54 5.35 -2.01 0.22
C GLU D 54 6.35 -2.43 -0.86
N LYS D 55 6.16 -3.64 -1.37
CA LYS D 55 7.00 -4.21 -2.41
C LYS D 55 6.86 -3.44 -3.71
N TYR D 56 5.63 -3.10 -4.06
CA TYR D 56 5.35 -2.34 -5.26
C TYR D 56 5.93 -0.94 -5.15
N LEU D 57 5.70 -0.30 -4.00
CA LEU D 57 6.22 1.03 -3.71
C LEU D 57 7.73 1.08 -3.81
N SER D 58 8.39 0.01 -3.39
CA SER D 58 9.85 -0.04 -3.34
C SER D 58 10.49 0.02 -4.72
N GLY D 59 9.70 -0.10 -5.77
CA GLY D 59 10.26 0.09 -7.09
C GLY D 59 10.42 1.57 -7.41
N PHE D 60 9.72 2.41 -6.67
CA PHE D 60 9.77 3.84 -6.93
C PHE D 60 10.49 4.68 -5.88
N THR D 61 10.53 4.20 -4.64
CA THR D 61 11.14 4.94 -3.53
C THR D 61 11.55 4.05 -2.36
N LYS D 62 12.51 4.51 -1.56
CA LYS D 62 12.79 3.84 -0.31
C LYS D 62 12.05 4.61 0.78
N VAL D 63 12.05 4.10 2.01
CA VAL D 63 11.18 4.68 3.03
C VAL D 63 11.57 6.13 3.39
N ASP D 64 12.87 6.38 3.46
CA ASP D 64 13.44 7.66 3.89
C ASP D 64 13.92 8.59 2.75
N ASP D 65 13.55 8.31 1.51
CA ASP D 65 13.97 9.15 0.37
C ASP D 65 13.52 10.62 0.47
N ASN D 66 12.37 10.86 1.09
CA ASN D 66 11.86 12.22 1.30
C ASN D 66 10.65 12.20 2.22
N ARG D 67 10.27 13.36 2.76
CA ARG D 67 9.19 13.42 3.77
C ARG D 67 7.85 12.90 3.27
N TYR D 68 7.60 13.05 1.97
CA TYR D 68 6.37 12.53 1.38
C TYR D 68 6.35 11.02 1.48
N SER D 69 7.39 10.41 0.93
CA SER D 69 7.43 8.95 0.89
C SER D 69 7.54 8.42 2.32
N MET D 70 8.13 9.21 3.20
CA MET D 70 8.28 8.79 4.58
C MET D 70 6.92 8.80 5.29
N LYS D 71 6.08 9.77 4.98
CA LYS D 71 4.73 9.78 5.51
C LYS D 71 3.91 8.63 4.96
N ILE D 72 4.11 8.30 3.68
CA ILE D 72 3.37 7.23 3.02
C ILE D 72 3.59 5.89 3.72
N PHE D 73 4.85 5.55 3.92
CA PHE D 73 5.20 4.30 4.60
C PHE D 73 4.73 4.32 6.04
N PHE D 74 4.89 5.47 6.69
CA PHE D 74 4.45 5.58 8.07
C PHE D 74 2.98 5.30 8.20
N GLU D 75 2.17 5.90 7.32
CA GLU D 75 0.73 5.70 7.41
C GLU D 75 0.41 4.23 7.25
N ILE D 76 0.99 3.61 6.25
CA ILE D 76 0.70 2.21 5.93
C ILE D 76 1.06 1.29 7.09
N ARG D 77 2.24 1.45 7.64
CA ARG D 77 2.68 0.58 8.73
C ARG D 77 1.87 0.84 10.02
N LYS D 78 1.44 2.08 10.21
CA LYS D 78 0.54 2.42 11.29
C LYS D 78 -0.75 1.61 11.21
N GLN D 79 -1.38 1.61 10.04
CA GLN D 79 -2.64 0.90 9.84
C GLN D 79 -2.45 -0.60 10.03
N LYS D 80 -1.31 -1.10 9.55
CA LYS D 80 -0.94 -2.50 9.73
C LYS D 80 -1.00 -2.86 11.20
N TYR D 81 -0.34 -2.01 12.00
CA TYR D 81 -0.24 -2.14 13.45
C TYR D 81 -1.60 -2.12 14.15
N LEU D 82 -2.45 -1.17 13.77
CA LEU D 82 -3.77 -1.03 14.36
C LEU D 82 -4.64 -2.27 14.13
N GLU D 83 -4.62 -2.78 12.89
CA GLU D 83 -5.36 -3.98 12.54
C GLU D 83 -4.90 -5.21 13.34
N ALA D 84 -3.60 -5.30 13.59
CA ALA D 84 -3.06 -6.38 14.42
C ALA D 84 -3.59 -6.32 15.85
N LEU D 85 -3.66 -5.10 16.39
CA LEU D 85 -4.22 -4.88 17.72
C LEU D 85 -5.69 -5.23 17.74
N ASP D 86 -6.37 -4.87 16.66
CA ASP D 86 -7.81 -5.01 16.58
C ASP D 86 -8.27 -6.47 16.52
N ARG D 87 -7.43 -7.35 15.99
CA ARG D 87 -7.72 -8.78 15.99
C ARG D 87 -7.03 -9.43 17.19
N HIS D 88 -6.47 -8.58 18.06
CA HIS D 88 -5.82 -9.01 19.31
C HIS D 88 -4.66 -9.96 19.07
N ASP D 89 -3.96 -9.77 17.95
CA ASP D 89 -2.78 -10.57 17.71
C ASP D 89 -1.65 -9.67 18.15
N ARG D 90 -1.31 -9.79 19.43
CA ARG D 90 -0.43 -8.82 20.02
C ARG D 90 0.99 -9.24 19.69
N ALA D 91 1.18 -10.54 19.50
CA ALA D 91 2.46 -11.05 19.02
C ALA D 91 2.85 -10.38 17.69
N LYS D 92 1.88 -10.29 16.77
CA LYS D 92 2.12 -9.67 15.47
C LYS D 92 2.26 -8.16 15.60
N ALA D 93 1.46 -7.58 16.49
CA ALA D 93 1.47 -6.13 16.70
C ALA D 93 2.85 -5.67 17.16
N VAL D 94 3.48 -6.45 18.05
CA VAL D 94 4.81 -6.12 18.54
C VAL D 94 5.83 -6.31 17.43
N ASP D 95 5.65 -7.36 16.63
CA ASP D 95 6.56 -7.67 15.53
C ASP D 95 6.57 -6.51 14.52
N ILE D 96 5.39 -5.98 14.22
CA ILE D 96 5.26 -4.84 13.33
C ILE D 96 5.95 -3.62 13.92
N LEU D 97 5.72 -3.42 15.21
CA LEU D 97 6.25 -2.28 15.93
C LEU D 97 7.78 -2.24 15.91
N VAL D 98 8.40 -3.40 16.05
CA VAL D 98 9.86 -3.49 16.06
C VAL D 98 10.47 -3.41 14.68
N LYS D 99 9.92 -4.19 13.76
CA LYS D 99 10.48 -4.28 12.42
C LYS D 99 10.12 -3.09 11.53
N ASP D 100 8.84 -2.76 11.50
CA ASP D 100 8.33 -1.73 10.59
C ASP D 100 8.28 -0.30 11.12
N LEU D 101 7.87 -0.12 12.38
CA LEU D 101 7.68 1.23 12.92
C LEU D 101 8.88 1.86 13.62
N LYS D 102 9.89 1.06 13.95
CA LYS D 102 11.06 1.58 14.69
C LYS D 102 11.84 2.63 13.89
N VAL D 103 11.90 2.48 12.57
CA VAL D 103 12.63 3.43 11.73
C VAL D 103 12.13 4.88 11.91
N PHE D 104 10.87 5.05 12.27
CA PHE D 104 10.32 6.39 12.45
C PHE D 104 10.65 7.04 13.80
N SER D 105 11.17 6.24 14.73
CA SER D 105 11.50 6.75 16.07
C SER D 105 12.66 7.75 16.02
N THR D 106 13.60 7.55 15.10
CA THR D 106 14.79 8.41 14.99
C THR D 106 14.46 9.88 14.88
N PHE D 107 13.48 10.19 14.04
CA PHE D 107 13.03 11.56 13.81
C PHE D 107 11.99 11.97 14.86
N ASN D 108 11.13 11.02 15.23
CA ASN D 108 10.14 11.21 16.30
C ASN D 108 10.22 10.25 17.51
N GLU D 109 10.84 10.67 18.62
CA GLU D 109 10.98 9.72 19.73
C GLU D 109 9.72 9.46 20.50
N GLU D 110 9.06 10.55 20.88
CA GLU D 110 7.93 10.45 21.76
C GLU D 110 6.77 9.75 21.06
N LEU D 111 6.59 10.05 19.77
CA LEU D 111 5.48 9.45 19.03
C LEU D 111 5.57 7.93 18.99
N TYR D 112 6.77 7.41 18.77
CA TYR D 112 7.00 5.97 18.79
C TYR D 112 6.61 5.36 20.13
N LYS D 113 6.96 6.06 21.20
CA LYS D 113 6.58 5.65 22.56
C LYS D 113 5.07 5.64 22.72
N GLU D 114 4.41 6.71 22.27
CA GLU D 114 2.96 6.83 22.33
C GLU D 114 2.27 5.70 21.57
N ILE D 115 2.84 5.34 20.43
CA ILE D 115 2.29 4.26 19.60
C ILE D 115 2.52 2.93 20.30
N THR D 116 3.70 2.77 20.86
CA THR D 116 4.02 1.58 21.64
C THR D 116 2.97 1.37 22.73
N GLN D 117 2.60 2.43 23.45
CA GLN D 117 1.71 2.29 24.62
C GLN D 117 0.28 1.91 24.27
N LEU D 118 -0.08 1.96 22.98
CA LEU D 118 -1.40 1.53 22.54
C LEU D 118 -1.64 0.03 22.81
N LEU D 119 -0.54 -0.70 22.93
CA LEU D 119 -0.57 -2.14 23.22
C LEU D 119 -1.34 -2.47 24.48
N THR D 120 -1.26 -1.58 25.46
CA THR D 120 -1.73 -1.85 26.83
C THR D 120 -3.19 -1.44 27.05
N LEU D 121 -3.83 -0.89 26.03
CA LEU D 121 -5.24 -0.48 26.11
C LEU D 121 -6.22 -1.63 25.88
N GLU D 122 -7.39 -1.53 26.49
CA GLU D 122 -8.50 -2.44 26.18
C GLU D 122 -8.77 -2.31 24.70
N ASN D 123 -8.87 -1.06 24.26
CA ASN D 123 -9.15 -0.72 22.87
C ASN D 123 -8.42 0.58 22.51
N PHE D 124 -7.67 0.61 21.40
CA PHE D 124 -6.85 1.81 21.10
C PHE D 124 -7.75 3.02 20.82
N ARG D 125 -9.05 2.80 20.66
CA ARG D 125 -9.99 3.89 20.52
C ARG D 125 -10.17 4.67 21.81
N GLU D 126 -9.53 4.19 22.87
CA GLU D 126 -9.49 4.91 24.13
C GLU D 126 -8.56 6.11 24.00
N ASN D 127 -7.61 6.04 23.05
CA ASN D 127 -6.83 7.22 22.70
C ASN D 127 -7.73 8.17 21.93
N GLU D 128 -7.74 9.43 22.32
CA GLU D 128 -8.70 10.41 21.79
C GLU D 128 -8.43 10.76 20.32
N GLN D 129 -7.18 10.62 19.89
CA GLN D 129 -6.82 10.88 18.50
C GLN D 129 -7.33 9.75 17.59
N LEU D 130 -7.37 8.55 18.16
CA LEU D 130 -7.84 7.36 17.46
C LEU D 130 -9.30 6.99 17.75
N SER D 131 -10.00 7.83 18.49
CA SER D 131 -11.36 7.55 18.97
C SER D 131 -12.37 7.35 17.83
N LYS D 132 -11.97 7.75 16.63
CA LYS D 132 -12.81 7.81 15.44
C LYS D 132 -12.79 6.59 14.50
N TYR D 133 -12.15 5.49 14.90
CA TYR D 133 -11.43 4.60 13.98
C TYR D 133 -12.12 3.64 13.00
N GLY D 134 -13.10 2.85 13.43
CA GLY D 134 -13.42 1.69 12.61
C GLY D 134 -14.87 1.40 12.39
N ASP D 135 -15.20 0.68 11.32
CA ASP D 135 -14.39 -0.45 10.81
C ASP D 135 -13.06 -0.31 10.05
N THR D 136 -12.49 -1.50 9.83
CA THR D 136 -11.28 -1.76 9.05
C THR D 136 -11.49 -1.31 7.61
N LYS D 137 -12.63 -1.70 7.03
CA LYS D 137 -13.00 -1.26 5.69
C LYS D 137 -12.92 0.25 5.54
N SER D 138 -13.47 0.95 6.53
CA SER D 138 -13.60 2.40 6.48
C SER D 138 -12.28 3.12 6.72
N ALA D 139 -11.49 2.59 7.66
CA ALA D 139 -10.20 3.19 7.99
C ALA D 139 -9.26 3.14 6.79
N ARG D 140 -9.28 2.01 6.08
CA ARG D 140 -8.48 1.81 4.89
C ARG D 140 -8.84 2.84 3.83
N SER D 141 -10.13 3.05 3.64
CA SER D 141 -10.63 3.98 2.63
C SER D 141 -10.20 5.41 2.95
N ILE D 142 -10.24 5.75 4.24
CA ILE D 142 -9.86 7.07 4.71
C ILE D 142 -8.38 7.32 4.46
N MET D 143 -7.60 6.37 4.89
CA MET D 143 -6.16 6.45 4.74
C MET D 143 -5.71 6.47 3.28
N LEU D 144 -6.47 5.77 2.44
CA LEU D 144 -6.14 5.67 1.02
C LEU D 144 -6.23 7.04 0.35
N ILE D 145 -7.26 7.80 0.69
CA ILE D 145 -7.49 9.11 0.08
C ILE D 145 -6.28 9.99 0.33
N GLU D 146 -5.76 9.89 1.55
CA GLU D 146 -4.57 10.61 1.96
C GLU D 146 -3.34 10.17 1.18
N LEU D 147 -3.15 8.85 1.11
CA LEU D 147 -2.02 8.24 0.40
C LEU D 147 -1.99 8.70 -1.05
N LYS D 148 -3.16 8.71 -1.69
CA LYS D 148 -3.29 9.17 -3.07
C LYS D 148 -2.69 10.55 -3.25
N LYS D 149 -3.00 11.45 -2.32
CA LYS D 149 -2.50 12.81 -2.38
C LYS D 149 -0.99 12.85 -2.16
N LEU D 150 -0.51 12.12 -1.16
CA LEU D 150 0.92 12.03 -0.87
C LEU D 150 1.72 11.53 -2.07
N ILE D 151 1.17 10.57 -2.78
CA ILE D 151 1.83 10.02 -3.96
C ILE D 151 1.80 11.06 -5.07
N GLU D 152 0.64 11.66 -5.29
CA GLU D 152 0.47 12.64 -6.36
C GLU D 152 1.42 13.85 -6.19
N ALA D 153 1.67 14.23 -4.94
CA ALA D 153 2.60 15.31 -4.65
C ALA D 153 4.10 14.91 -4.61
N ASN D 154 4.37 13.64 -4.36
CA ASN D 154 5.75 13.15 -4.22
C ASN D 154 6.53 13.32 -5.53
N PRO D 155 7.68 14.02 -5.47
CA PRO D 155 8.53 14.27 -6.64
C PRO D 155 8.97 13.00 -7.37
N LEU D 156 9.06 11.88 -6.66
CA LEU D 156 9.51 10.65 -7.30
C LEU D 156 8.38 9.93 -8.06
N PHE D 157 7.13 10.25 -7.74
CA PHE D 157 5.98 9.68 -8.44
C PHE D 157 5.31 10.60 -9.45
N ARG D 158 5.64 11.88 -9.37
CA ARG D 158 4.77 12.91 -9.91
C ARG D 158 4.70 12.87 -11.43
N GLU D 159 5.80 12.45 -12.05
CA GLU D 159 5.79 12.32 -13.49
C GLU D 159 5.55 10.89 -14.04
N LYS D 160 5.24 9.97 -13.14
CA LYS D 160 4.99 8.55 -13.46
C LYS D 160 3.53 8.08 -13.44
N LEU D 161 2.55 8.97 -13.29
CA LEU D 161 1.17 8.55 -13.04
C LEU D 161 0.25 8.46 -14.24
N VAL D 162 0.72 8.81 -15.43
CA VAL D 162 -0.17 8.83 -16.58
C VAL D 162 0.27 7.87 -17.67
N PHE D 163 -0.59 6.92 -18.01
CA PHE D 163 -0.22 5.97 -19.05
C PHE D 163 -0.33 6.63 -20.41
N PRO D 164 0.60 6.31 -21.32
CA PRO D 164 0.49 6.87 -22.67
C PRO D 164 -0.74 6.24 -23.26
N THR D 165 -1.28 6.77 -24.33
CA THR D 165 -2.48 6.18 -24.86
C THR D 165 -2.08 5.75 -26.25
N LEU D 166 -2.41 4.51 -26.59
CA LEU D 166 -1.95 3.90 -27.81
C LEU D 166 -3.11 3.23 -28.50
N LYS D 167 -2.99 3.01 -29.80
CA LYS D 167 -3.93 2.14 -30.50
C LYS D 167 -3.80 0.79 -29.81
N ALA D 168 -4.86 -0.01 -29.80
CA ALA D 168 -4.74 -1.36 -29.23
C ALA D 168 -3.61 -2.13 -29.92
N SER D 169 -2.87 -2.90 -29.14
CA SER D 169 -1.84 -3.79 -29.68
C SER D 169 -0.82 -3.07 -30.55
N ARG D 170 -0.32 -1.94 -30.07
CA ARG D 170 0.71 -1.23 -30.81
C ARG D 170 1.93 -2.10 -31.05
N LEU D 171 2.32 -2.89 -30.05
CA LEU D 171 3.48 -3.75 -30.23
C LEU D 171 3.25 -4.73 -31.36
N ARG D 172 2.09 -5.37 -31.38
CA ARG D 172 1.79 -6.31 -32.45
C ARG D 172 1.83 -5.61 -33.81
N THR D 173 1.37 -4.36 -33.86
CA THR D 173 1.39 -3.59 -35.09
C THR D 173 2.83 -3.38 -35.56
N LEU D 174 3.68 -2.98 -34.63
CA LEU D 174 5.09 -2.79 -34.92
C LEU D 174 5.75 -4.07 -35.40
N ILE D 175 5.54 -5.17 -34.68
CA ILE D 175 6.10 -6.46 -35.07
C ILE D 175 5.80 -6.78 -36.54
N ASN D 176 4.55 -6.56 -36.94
CA ASN D 176 4.15 -6.77 -38.32
C ASN D 176 4.92 -5.93 -39.32
N GLN D 177 5.16 -4.67 -38.97
CA GLN D 177 5.98 -3.80 -39.81
C GLN D 177 7.40 -4.33 -40.01
N SER D 178 7.99 -4.94 -38.98
CA SER D 178 9.33 -5.52 -39.11
C SER D 178 9.34 -6.65 -40.11
N LEU D 179 8.23 -7.38 -40.19
CA LEU D 179 8.13 -8.49 -41.12
C LEU D 179 8.00 -7.97 -42.54
N ASN D 180 7.28 -6.87 -42.67
CA ASN D 180 7.13 -6.19 -43.95
C ASN D 180 8.46 -5.58 -44.39
N TRP D 181 9.24 -5.03 -43.45
CA TRP D 181 10.55 -4.48 -43.80
C TRP D 181 11.52 -5.60 -44.17
N GLN D 182 11.42 -6.73 -43.48
CA GLN D 182 12.27 -7.87 -43.79
C GLN D 182 12.02 -8.34 -45.20
N HIS D 183 10.75 -8.45 -45.54
CA HIS D 183 10.35 -9.02 -46.82
C HIS D 183 10.62 -8.11 -48.00
N GLN D 184 10.57 -6.82 -47.78
CA GLN D 184 10.81 -5.85 -48.84
C GLN D 184 12.29 -5.86 -49.26
N LEU D 185 13.14 -6.43 -48.42
CA LEU D 185 14.52 -6.67 -48.81
C LEU D 185 14.71 -8.02 -49.52
N CYS D 186 13.61 -8.72 -49.80
CA CYS D 186 13.74 -10.01 -50.47
C CYS D 186 13.86 -9.81 -51.94
N LYS D 187 14.85 -10.43 -52.56
CA LYS D 187 14.83 -10.59 -53.99
C LYS D 187 14.69 -12.09 -54.26
N ASN D 188 13.50 -12.56 -54.64
CA ASN D 188 12.25 -11.83 -54.46
C ASN D 188 11.14 -12.84 -54.09
N PRO D 189 9.85 -12.44 -54.05
CA PRO D 189 9.08 -13.01 -52.97
C PRO D 189 8.59 -14.42 -53.26
N ARG D 190 7.85 -14.95 -52.30
CA ARG D 190 7.03 -16.13 -52.53
C ARG D 190 5.78 -15.36 -52.94
N PRO D 191 4.77 -16.01 -53.56
CA PRO D 191 3.70 -15.15 -54.09
C PRO D 191 2.94 -14.43 -52.98
N ASN D 192 2.62 -15.20 -51.95
CA ASN D 192 2.15 -14.70 -50.68
C ASN D 192 3.32 -15.13 -49.83
N PRO D 193 4.09 -14.17 -49.29
CA PRO D 193 5.33 -14.64 -48.69
C PRO D 193 5.03 -15.30 -47.37
N ASP D 194 5.76 -16.35 -47.04
CA ASP D 194 5.46 -17.03 -45.80
C ASP D 194 6.51 -16.80 -44.72
N ILE D 195 6.06 -16.30 -43.57
CA ILE D 195 6.97 -15.99 -42.48
C ILE D 195 6.95 -17.11 -41.44
N LYS D 196 8.10 -17.77 -41.27
CA LYS D 196 8.21 -18.91 -40.37
C LYS D 196 8.40 -18.48 -38.92
N THR D 197 9.17 -17.43 -38.70
CA THR D 197 9.56 -17.10 -37.35
C THR D 197 9.84 -15.61 -37.13
N LEU D 198 9.79 -15.20 -35.87
CA LEU D 198 10.22 -13.86 -35.47
C LEU D 198 11.67 -13.89 -35.04
N PHE D 199 12.23 -15.09 -34.91
CA PHE D 199 13.50 -15.25 -34.24
C PHE D 199 14.69 -14.87 -35.11
N THR D 200 14.55 -15.07 -36.41
CA THR D 200 15.57 -14.68 -37.38
C THR D 200 14.86 -14.07 -38.58
N ASP D 201 15.53 -13.18 -39.29
CA ASP D 201 14.88 -12.50 -40.40
C ASP D 201 14.37 -13.44 -41.48
N HIS D 202 13.17 -13.13 -41.97
CA HIS D 202 12.58 -13.84 -43.09
C HIS D 202 13.30 -13.49 -44.40
N THR D 203 13.33 -14.43 -45.35
CA THR D 203 13.74 -14.12 -46.73
C THR D 203 12.98 -15.01 -47.69
N CYS D 204 12.98 -14.61 -48.96
CA CYS D 204 12.24 -15.33 -50.01
C CYS D 204 13.04 -16.02 -51.10
N THR D 205 12.83 -17.33 -51.16
CA THR D 205 13.46 -18.23 -52.12
C THR D 205 12.49 -19.33 -52.53
N PRO D 206 12.50 -19.75 -53.80
CA PRO D 206 11.66 -20.93 -54.09
C PRO D 206 12.28 -22.21 -53.54
N MET E 1 2.33 69.45 -27.93
CA MET E 1 3.13 68.22 -27.93
C MET E 1 3.55 67.79 -29.36
N SER E 2 2.63 67.58 -30.31
CA SER E 2 1.22 67.33 -30.04
C SER E 2 0.47 66.23 -30.77
N SER E 3 0.63 64.98 -30.34
CA SER E 3 -0.30 63.94 -30.75
C SER E 3 -0.18 62.96 -29.61
N LEU E 4 -1.14 62.96 -28.72
CA LEU E 4 -1.06 62.12 -27.53
C LEU E 4 -1.29 60.69 -28.00
N SER E 5 -2.35 60.54 -28.77
CA SER E 5 -2.75 59.26 -29.35
C SER E 5 -1.64 58.60 -30.14
N ARG E 6 -1.00 59.37 -31.00
CA ARG E 6 0.05 58.83 -31.85
C ARG E 6 1.23 58.34 -31.03
N GLU E 7 1.65 59.16 -30.06
CA GLU E 7 2.77 58.80 -29.20
C GLU E 7 2.45 57.61 -28.32
N LEU E 8 1.19 57.55 -27.89
CA LEU E 8 0.74 56.43 -27.06
C LEU E 8 0.87 55.12 -27.85
N VAL E 9 0.54 55.17 -29.14
CA VAL E 9 0.64 54.00 -30.01
C VAL E 9 2.07 53.45 -30.04
N PHE E 10 3.05 54.36 -30.09
CA PHE E 10 4.44 53.97 -30.12
C PHE E 10 4.86 53.24 -28.85
N LEU E 11 4.41 53.75 -27.71
CA LEU E 11 4.65 53.08 -26.44
C LEU E 11 4.03 51.70 -26.44
N ILE E 12 2.81 51.62 -26.99
CA ILE E 12 2.11 50.35 -27.08
C ILE E 12 2.88 49.37 -27.98
N LEU E 13 3.42 49.88 -29.08
CA LEU E 13 4.23 49.05 -29.98
C LEU E 13 5.41 48.43 -29.23
N GLN E 14 6.12 49.25 -28.47
CA GLN E 14 7.26 48.78 -27.70
C GLN E 14 6.84 47.73 -26.66
N PHE E 15 5.75 48.03 -25.96
CA PHE E 15 5.23 47.10 -24.95
C PHE E 15 4.91 45.74 -25.58
N LEU E 16 4.10 45.77 -26.63
CA LEU E 16 3.69 44.57 -27.34
C LEU E 16 4.89 43.76 -27.81
N ASP E 17 5.90 44.45 -28.32
CA ASP E 17 7.11 43.80 -28.80
C ASP E 17 7.85 43.10 -27.65
N GLU E 18 7.89 43.77 -26.50
CA GLU E 18 8.55 43.22 -25.31
C GLU E 18 7.84 42.00 -24.75
N GLU E 19 6.52 41.99 -24.87
CA GLU E 19 5.73 40.85 -24.41
C GLU E 19 5.70 39.79 -25.52
N LYS E 20 6.39 40.10 -26.61
CA LYS E 20 6.53 39.18 -27.73
C LYS E 20 5.20 38.84 -28.37
N PHE E 21 4.29 39.80 -28.43
CA PHE E 21 3.08 39.55 -29.20
C PHE E 21 3.38 40.05 -30.59
N LYS E 22 3.87 39.16 -31.45
CA LYS E 22 4.47 39.61 -32.70
C LYS E 22 3.40 40.03 -33.68
N GLU E 23 2.35 39.22 -33.78
CA GLU E 23 1.33 39.49 -34.78
C GLU E 23 0.59 40.79 -34.47
N THR E 24 0.39 41.05 -33.18
CA THR E 24 -0.35 42.23 -32.75
C THR E 24 0.45 43.49 -33.08
N VAL E 25 1.77 43.39 -32.95
CA VAL E 25 2.62 44.52 -33.24
C VAL E 25 2.39 45.03 -34.66
N HIS E 26 2.40 44.10 -35.60
CA HIS E 26 2.39 44.46 -37.01
C HIS E 26 1.00 44.83 -37.48
N LYS E 27 -0.03 44.27 -36.85
CA LYS E 27 -1.39 44.68 -37.14
C LYS E 27 -1.58 46.13 -36.66
N LEU E 28 -0.94 46.48 -35.55
CA LEU E 28 -1.04 47.84 -35.03
C LEU E 28 -0.28 48.83 -35.91
N GLU E 29 0.90 48.41 -36.38
CA GLU E 29 1.67 49.19 -37.35
C GLU E 29 0.81 49.48 -38.58
N GLN E 30 0.21 48.41 -39.09
CA GLN E 30 -0.62 48.48 -40.27
C GLN E 30 -1.84 49.39 -40.07
N GLU E 31 -2.62 49.14 -39.02
CA GLU E 31 -3.88 49.85 -38.84
C GLU E 31 -3.69 51.32 -38.43
N SER E 32 -2.66 51.61 -37.64
CA SER E 32 -2.36 52.98 -37.25
C SER E 32 -1.66 53.75 -38.36
N GLY E 33 -0.90 53.01 -39.17
CA GLY E 33 -0.11 53.59 -40.23
C GLY E 33 0.96 54.57 -39.76
N PHE E 34 1.31 54.49 -38.49
CA PHE E 34 2.31 55.40 -37.92
C PHE E 34 3.75 54.98 -38.14
N PHE E 35 4.00 53.67 -38.21
CA PHE E 35 5.35 53.16 -38.38
C PHE E 35 5.41 51.97 -39.33
N PHE E 36 6.23 52.09 -40.36
CA PHE E 36 6.41 51.03 -41.33
C PHE E 36 7.66 50.23 -40.97
N ASN E 37 7.48 48.95 -40.69
CA ASN E 37 8.57 48.15 -40.15
C ASN E 37 9.30 47.45 -41.29
N MET E 38 10.46 48.00 -41.67
CA MET E 38 11.22 47.47 -42.81
C MET E 38 11.61 46.03 -42.61
N LYS E 39 12.21 45.77 -41.46
CA LYS E 39 12.70 44.45 -41.11
C LYS E 39 11.60 43.42 -41.35
N TYR E 40 10.38 43.74 -40.92
CA TYR E 40 9.23 42.87 -41.10
C TYR E 40 8.93 42.70 -42.58
N PHE E 41 8.90 43.82 -43.28
CA PHE E 41 8.59 43.81 -44.71
C PHE E 41 9.53 42.90 -45.49
N GLU E 42 10.82 43.02 -45.25
CA GLU E 42 11.81 42.22 -45.95
C GLU E 42 11.55 40.74 -45.72
N GLU E 43 11.35 40.42 -44.46
CA GLU E 43 11.10 39.06 -44.02
C GLU E 43 9.89 38.46 -44.77
N LYS E 44 8.81 39.23 -44.86
CA LYS E 44 7.61 38.75 -45.53
C LYS E 44 7.80 38.62 -47.03
N VAL E 45 8.60 39.52 -47.62
CA VAL E 45 8.90 39.41 -49.04
C VAL E 45 9.73 38.16 -49.35
N HIS E 46 10.79 37.93 -48.60
CA HIS E 46 11.60 36.71 -48.76
C HIS E 46 10.77 35.44 -48.64
N ALA E 47 9.79 35.44 -47.75
CA ALA E 47 8.94 34.28 -47.54
C ALA E 47 7.89 34.16 -48.65
N GLY E 48 7.80 35.19 -49.47
CA GLY E 48 6.78 35.23 -50.50
C GLY E 48 5.36 35.23 -49.96
N GLU E 49 5.14 35.86 -48.82
CA GLU E 49 3.78 35.87 -48.33
C GLU E 49 3.15 37.11 -48.92
N TRP E 50 2.54 36.96 -50.08
CA TRP E 50 2.23 38.14 -50.85
C TRP E 50 0.94 38.75 -50.34
N ASP E 51 0.03 37.91 -49.85
CA ASP E 51 -1.23 38.43 -49.32
C ASP E 51 -0.95 39.33 -48.14
N GLU E 52 -0.03 38.90 -47.27
CA GLU E 52 0.29 39.72 -46.10
C GLU E 52 1.07 40.96 -46.51
N VAL E 53 1.98 40.83 -47.47
CA VAL E 53 2.73 41.98 -47.93
C VAL E 53 1.80 43.10 -48.44
N GLU E 54 0.84 42.74 -49.29
CA GLU E 54 -0.07 43.73 -49.85
C GLU E 54 -1.00 44.30 -48.78
N LYS E 55 -1.33 43.46 -47.81
CA LYS E 55 -2.21 43.80 -46.68
C LYS E 55 -1.54 44.82 -45.76
N TYR E 56 -0.28 44.58 -45.43
CA TYR E 56 0.51 45.45 -44.58
C TYR E 56 0.71 46.81 -45.26
N LEU E 57 1.11 46.76 -46.52
CA LEU E 57 1.32 47.95 -47.32
C LEU E 57 0.05 48.80 -47.39
N SER E 58 -1.09 48.13 -47.40
CA SER E 58 -2.37 48.81 -47.63
C SER E 58 -2.71 49.74 -46.49
N GLY E 59 -2.00 49.62 -45.38
CA GLY E 59 -2.18 50.55 -44.29
C GLY E 59 -1.47 51.86 -44.55
N PHE E 60 -0.52 51.87 -45.48
CA PHE E 60 0.23 53.09 -45.75
C PHE E 60 -0.04 53.79 -47.08
N THR E 61 -0.40 53.01 -48.10
CA THR E 61 -0.63 53.55 -49.43
C THR E 61 -1.54 52.66 -50.23
N LYS E 62 -2.25 53.25 -51.19
CA LYS E 62 -3.00 52.46 -52.13
C LYS E 62 -2.19 52.31 -53.40
N VAL E 63 -2.67 51.52 -54.36
CA VAL E 63 -1.82 51.15 -55.50
C VAL E 63 -1.46 52.34 -56.40
N ASP E 64 -2.44 53.22 -56.63
CA ASP E 64 -2.32 54.36 -57.55
C ASP E 64 -2.02 55.73 -56.88
N ASP E 65 -1.65 55.75 -55.61
CA ASP E 65 -1.43 57.03 -54.91
C ASP E 65 -0.31 57.90 -55.52
N ASN E 66 0.76 57.26 -55.97
CA ASN E 66 1.87 57.98 -56.60
C ASN E 66 2.75 56.98 -57.33
N ARG E 67 3.60 57.46 -58.25
CA ARG E 67 4.40 56.56 -59.07
C ARG E 67 5.30 55.64 -58.24
N TYR E 68 5.73 56.08 -57.07
CA TYR E 68 6.56 55.26 -56.20
C TYR E 68 5.79 54.05 -55.72
N SER E 69 4.65 54.33 -55.12
CA SER E 69 3.83 53.27 -54.56
C SER E 69 3.32 52.40 -55.71
N MET E 70 3.20 53.00 -56.88
CA MET E 70 2.71 52.29 -58.05
C MET E 70 3.69 51.25 -58.58
N LYS E 71 4.96 51.63 -58.62
CA LYS E 71 5.96 50.69 -59.07
C LYS E 71 6.12 49.59 -58.03
N ILE E 72 5.98 49.95 -56.76
CA ILE E 72 6.10 48.97 -55.67
C ILE E 72 5.10 47.84 -55.83
N PHE E 73 3.83 48.18 -56.01
CA PHE E 73 2.80 47.17 -56.25
C PHE E 73 3.00 46.41 -57.58
N PHE E 74 3.39 47.13 -58.62
CA PHE E 74 3.64 46.48 -59.89
C PHE E 74 4.72 45.43 -59.76
N GLU E 75 5.82 45.80 -59.11
CA GLU E 75 6.92 44.86 -58.97
C GLU E 75 6.46 43.63 -58.20
N ILE E 76 5.73 43.84 -57.11
CA ILE E 76 5.28 42.72 -56.30
C ILE E 76 4.39 41.77 -57.09
N ARG E 77 3.43 42.33 -57.80
CA ARG E 77 2.49 41.51 -58.52
C ARG E 77 3.14 40.81 -59.73
N LYS E 78 4.11 41.48 -60.35
CA LYS E 78 4.90 40.85 -61.41
C LYS E 78 5.58 39.58 -60.89
N GLN E 79 6.27 39.69 -59.76
CA GLN E 79 6.98 38.54 -59.19
C GLN E 79 6.03 37.44 -58.75
N LYS E 80 4.87 37.84 -58.23
CA LYS E 80 3.85 36.88 -57.84
C LYS E 80 3.54 36.02 -59.07
N TYR E 81 3.29 36.71 -60.17
CA TYR E 81 2.95 36.14 -61.47
C TYR E 81 4.05 35.21 -62.02
N LEU E 82 5.29 35.68 -61.99
CA LEU E 82 6.39 34.88 -62.49
C LEU E 82 6.56 33.59 -61.69
N GLU E 83 6.44 33.69 -60.38
CA GLU E 83 6.54 32.51 -59.54
C GLU E 83 5.46 31.49 -59.89
N ALA E 84 4.27 31.97 -60.23
CA ALA E 84 3.19 31.09 -60.64
C ALA E 84 3.50 30.34 -61.91
N LEU E 85 4.05 31.06 -62.89
CA LEU E 85 4.46 30.49 -64.17
C LEU E 85 5.57 29.47 -63.98
N ASP E 86 6.48 29.79 -63.07
CA ASP E 86 7.66 28.98 -62.87
C ASP E 86 7.31 27.63 -62.24
N ARG E 87 6.22 27.59 -61.48
CA ARG E 87 5.74 26.34 -60.88
C ARG E 87 4.69 25.70 -61.77
N HIS E 88 4.53 26.26 -62.98
CA HIS E 88 3.62 25.75 -64.01
C HIS E 88 2.20 25.73 -63.54
N ASP E 89 1.85 26.72 -62.71
CA ASP E 89 0.48 26.82 -62.28
C ASP E 89 -0.14 27.90 -63.14
N ARG E 90 -0.71 27.49 -64.26
CA ARG E 90 -1.15 28.47 -65.25
C ARG E 90 -2.52 28.97 -64.84
N ALA E 91 -3.24 28.11 -64.12
CA ALA E 91 -4.50 28.51 -63.54
C ALA E 91 -4.34 29.72 -62.61
N LYS E 92 -3.32 29.69 -61.74
CA LYS E 92 -3.10 30.79 -60.81
C LYS E 92 -2.53 32.01 -61.54
N ALA E 93 -1.65 31.75 -62.50
CA ALA E 93 -0.99 32.84 -63.23
C ALA E 93 -2.02 33.72 -63.93
N VAL E 94 -3.04 33.10 -64.52
CA VAL E 94 -4.06 33.86 -65.21
C VAL E 94 -4.87 34.66 -64.21
N ASP E 95 -5.13 34.03 -63.08
CA ASP E 95 -5.92 34.64 -62.02
C ASP E 95 -5.19 35.90 -61.55
N ILE E 96 -3.88 35.79 -61.33
CA ILE E 96 -3.08 36.93 -60.92
C ILE E 96 -3.09 38.02 -61.98
N LEU E 97 -2.94 37.60 -63.23
CA LEU E 97 -2.88 38.52 -64.36
C LEU E 97 -4.15 39.35 -64.48
N VAL E 98 -5.29 38.72 -64.24
CA VAL E 98 -6.57 39.40 -64.37
C VAL E 98 -6.94 40.24 -63.13
N LYS E 99 -6.74 39.67 -61.95
CA LYS E 99 -7.13 40.36 -60.72
C LYS E 99 -6.16 41.44 -60.29
N ASP E 100 -4.88 41.10 -60.27
CA ASP E 100 -3.84 41.98 -59.73
C ASP E 100 -3.18 42.93 -60.74
N LEU E 101 -2.88 42.43 -61.94
CA LEU E 101 -2.09 43.20 -62.91
C LEU E 101 -2.87 44.06 -63.90
N LYS E 102 -4.18 43.82 -64.01
CA LYS E 102 -4.97 44.51 -65.02
C LYS E 102 -5.00 46.02 -64.80
N VAL E 103 -4.99 46.43 -63.54
CA VAL E 103 -5.00 47.85 -63.19
C VAL E 103 -3.87 48.65 -63.85
N PHE E 104 -2.74 48.00 -64.12
CA PHE E 104 -1.60 48.69 -64.70
C PHE E 104 -1.68 48.89 -66.20
N SER E 105 -2.65 48.25 -66.84
CA SER E 105 -2.79 48.34 -68.30
C SER E 105 -3.16 49.77 -68.71
N THR E 106 -3.88 50.46 -67.82
CA THR E 106 -4.35 51.83 -68.07
C THR E 106 -3.19 52.65 -68.55
N PHE E 107 -2.04 52.42 -67.93
CA PHE E 107 -0.82 53.15 -68.23
C PHE E 107 -0.03 52.50 -69.31
N ASN E 108 0.59 51.39 -68.94
CA ASN E 108 1.45 50.77 -69.89
C ASN E 108 0.57 49.74 -70.53
N GLU E 109 -0.03 50.15 -71.63
CA GLU E 109 -1.02 49.30 -72.28
C GLU E 109 -0.32 48.15 -72.93
N GLU E 110 0.72 48.50 -73.66
CA GLU E 110 1.46 47.53 -74.44
C GLU E 110 2.11 46.51 -73.51
N LEU E 111 2.62 46.99 -72.39
CA LEU E 111 3.28 46.15 -71.42
C LEU E 111 2.38 45.04 -70.88
N TYR E 112 1.12 45.38 -70.63
CA TYR E 112 0.17 44.39 -70.15
C TYR E 112 0.06 43.24 -71.14
N LYS E 113 -0.04 43.59 -72.42
CA LYS E 113 -0.09 42.58 -73.48
C LYS E 113 1.17 41.73 -73.50
N GLU E 114 2.33 42.38 -73.42
CA GLU E 114 3.61 41.69 -73.41
C GLU E 114 3.68 40.70 -72.24
N ILE E 115 3.15 41.13 -71.10
CA ILE E 115 3.13 40.29 -69.89
C ILE E 115 2.16 39.13 -70.03
N THR E 116 0.99 39.40 -70.61
CA THR E 116 0.01 38.35 -70.89
C THR E 116 0.61 37.21 -71.70
N GLN E 117 1.36 37.56 -72.74
CA GLN E 117 1.90 36.56 -73.68
C GLN E 117 2.95 35.64 -73.07
N LEU E 118 3.44 35.98 -71.89
CA LEU E 118 4.39 35.11 -71.19
C LEU E 118 3.77 33.75 -70.86
N LEU E 119 2.43 33.72 -70.83
CA LEU E 119 1.69 32.50 -70.57
C LEU E 119 1.99 31.40 -71.58
N THR E 120 2.26 31.81 -72.82
CA THR E 120 2.38 30.86 -73.93
C THR E 120 3.81 30.37 -74.10
N LEU E 121 4.71 30.88 -73.27
CA LEU E 121 6.10 30.46 -73.31
C LEU E 121 6.31 29.21 -72.45
N GLU E 122 7.17 28.33 -72.94
CA GLU E 122 7.61 27.16 -72.20
C GLU E 122 8.25 27.60 -70.90
N ASN E 123 9.09 28.62 -71.03
CA ASN E 123 9.82 29.22 -69.95
C ASN E 123 9.88 30.72 -70.20
N PHE E 124 9.48 31.53 -69.24
CA PHE E 124 9.40 32.97 -69.50
C PHE E 124 10.78 33.56 -69.72
N ARG E 125 11.82 32.79 -69.39
CA ARG E 125 13.18 33.22 -69.67
C ARG E 125 13.49 33.21 -71.15
N GLU E 126 12.54 32.77 -71.96
CA GLU E 126 12.66 32.86 -73.40
C GLU E 126 12.51 34.31 -73.83
N ASN E 127 11.81 35.10 -73.03
CA ASN E 127 11.76 36.54 -73.23
C ASN E 127 13.11 37.09 -72.79
N GLU E 128 13.78 37.84 -73.66
CA GLU E 128 15.17 38.20 -73.40
C GLU E 128 15.28 39.20 -72.26
N GLN E 129 14.20 39.93 -72.00
CA GLN E 129 14.19 40.91 -70.92
C GLN E 129 14.13 40.18 -69.58
N LEU E 130 13.52 39.01 -69.56
CA LEU E 130 13.41 38.20 -68.34
C LEU E 130 14.45 37.10 -68.27
N SER E 131 15.34 37.05 -69.25
CA SER E 131 16.26 35.91 -69.34
C SER E 131 17.25 35.70 -68.19
N LYS E 132 17.51 36.75 -67.41
CA LYS E 132 18.57 36.67 -66.41
C LYS E 132 18.04 36.25 -65.06
N TYR E 133 16.72 36.09 -65.00
CA TYR E 133 16.02 35.76 -63.78
C TYR E 133 16.33 34.32 -63.39
N GLY E 134 16.11 34.02 -62.11
CA GLY E 134 16.19 32.69 -61.55
C GLY E 134 17.42 32.45 -60.73
N ASP E 135 17.25 31.65 -59.66
CA ASP E 135 15.97 31.06 -59.22
C ASP E 135 15.09 32.04 -58.41
N THR E 136 14.03 31.50 -57.78
CA THR E 136 13.13 32.30 -56.94
C THR E 136 13.77 33.06 -55.76
N LYS E 137 14.53 32.37 -54.91
CA LYS E 137 15.16 33.02 -53.76
C LYS E 137 15.93 34.26 -54.22
N SER E 138 16.62 34.11 -55.34
CA SER E 138 17.47 35.17 -55.83
C SER E 138 16.69 36.32 -56.42
N ALA E 139 15.62 36.01 -57.16
CA ALA E 139 14.79 37.03 -57.78
C ALA E 139 14.12 37.90 -56.74
N ARG E 140 13.66 37.26 -55.66
CA ARG E 140 13.05 37.97 -54.54
C ARG E 140 14.05 38.96 -53.93
N SER E 141 15.29 38.52 -53.73
CA SER E 141 16.32 39.36 -53.14
C SER E 141 16.62 40.56 -54.02
N ILE E 142 16.65 40.34 -55.33
CA ILE E 142 16.94 41.42 -56.28
C ILE E 142 15.87 42.48 -56.19
N MET E 143 14.64 42.00 -56.26
CA MET E 143 13.46 42.83 -56.21
C MET E 143 13.29 43.58 -54.89
N LEU E 144 13.73 42.96 -53.81
CA LEU E 144 13.58 43.54 -52.49
C LEU E 144 14.38 44.83 -52.38
N ILE E 145 15.60 44.78 -52.89
CA ILE E 145 16.51 45.92 -52.88
C ILE E 145 15.89 47.08 -53.65
N GLU E 146 15.21 46.74 -54.74
CA GLU E 146 14.51 47.71 -55.56
C GLU E 146 13.38 48.37 -54.75
N LEU E 147 12.60 47.54 -54.06
CA LEU E 147 11.51 48.01 -53.19
C LEU E 147 11.97 48.94 -52.06
N LYS E 148 13.05 48.56 -51.35
CA LYS E 148 13.60 49.38 -50.26
C LYS E 148 13.86 50.80 -50.74
N LYS E 149 14.47 50.92 -51.92
CA LYS E 149 14.78 52.24 -52.47
C LYS E 149 13.51 52.99 -52.84
N LEU E 150 12.58 52.30 -53.50
CA LEU E 150 11.28 52.90 -53.81
C LEU E 150 10.50 53.35 -52.58
N ILE E 151 10.56 52.57 -51.51
CA ILE E 151 9.84 52.92 -50.30
C ILE E 151 10.44 54.15 -49.64
N GLU E 152 11.76 54.13 -49.48
CA GLU E 152 12.47 55.22 -48.82
C GLU E 152 12.26 56.56 -49.56
N ALA E 153 12.12 56.48 -50.89
CA ALA E 153 11.85 57.66 -51.70
C ALA E 153 10.38 58.06 -51.71
N ASN E 154 9.50 57.12 -51.39
CA ASN E 154 8.07 57.40 -51.43
C ASN E 154 7.70 58.44 -50.37
N PRO E 155 7.09 59.55 -50.80
CA PRO E 155 6.67 60.62 -49.89
C PRO E 155 5.72 60.14 -48.77
N LEU E 156 4.95 59.08 -49.00
CA LEU E 156 4.02 58.58 -47.99
C LEU E 156 4.69 57.71 -46.93
N PHE E 157 5.87 57.20 -47.23
CA PHE E 157 6.64 56.41 -46.25
C PHE E 157 7.78 57.16 -45.62
N ARG E 158 8.11 58.29 -46.22
CA ARG E 158 9.44 58.87 -46.06
C ARG E 158 9.73 59.30 -44.62
N GLU E 159 8.71 59.75 -43.92
CA GLU E 159 8.91 60.07 -42.51
C GLU E 159 8.45 59.03 -41.48
N LYS E 160 8.06 57.85 -41.96
CA LYS E 160 7.54 56.78 -41.08
C LYS E 160 8.49 55.60 -40.78
N LEU E 161 9.75 55.70 -41.20
CA LEU E 161 10.67 54.55 -41.21
C LEU E 161 11.60 54.43 -39.99
N VAL E 162 11.51 55.36 -39.07
CA VAL E 162 12.46 55.40 -37.96
C VAL E 162 11.77 55.25 -36.62
N PHE E 163 12.12 54.21 -35.88
CA PHE E 163 11.51 54.05 -34.57
C PHE E 163 12.20 55.02 -33.62
N PRO E 164 11.42 55.64 -32.72
CA PRO E 164 12.02 56.52 -31.72
C PRO E 164 12.85 55.68 -30.78
N THR E 165 13.55 56.37 -29.87
CA THR E 165 14.42 55.67 -28.95
C THR E 165 13.85 55.87 -27.56
N LEU E 166 13.64 54.77 -26.85
CA LEU E 166 13.03 54.86 -25.53
C LEU E 166 13.77 53.92 -24.60
N LYS E 167 13.76 54.21 -23.30
CA LYS E 167 14.24 53.23 -22.33
C LYS E 167 13.27 52.06 -22.41
N ALA E 168 13.74 50.85 -22.10
CA ALA E 168 12.87 49.68 -22.13
C ALA E 168 11.62 49.90 -21.28
N SER E 169 10.49 49.38 -21.76
CA SER E 169 9.23 49.37 -21.01
C SER E 169 8.81 50.77 -20.56
N ARG E 170 8.90 51.73 -21.47
CA ARG E 170 8.50 53.10 -21.17
C ARG E 170 7.04 53.14 -20.69
N LEU E 171 6.20 52.34 -21.32
CA LEU E 171 4.79 52.29 -20.94
C LEU E 171 4.66 51.83 -19.50
N ARG E 172 5.35 50.76 -19.12
CA ARG E 172 5.31 50.27 -17.73
C ARG E 172 5.80 51.31 -16.73
N THR E 173 6.80 52.08 -17.16
CA THR E 173 7.35 53.15 -16.36
C THR E 173 6.30 54.24 -16.12
N LEU E 174 5.63 54.66 -17.19
CA LEU E 174 4.58 55.66 -17.07
C LEU E 174 3.44 55.16 -16.19
N ILE E 175 2.98 53.94 -16.43
CA ILE E 175 1.95 53.31 -15.60
C ILE E 175 2.30 53.41 -14.12
N ASN E 176 3.54 53.09 -13.78
CA ASN E 176 3.98 53.24 -12.40
C ASN E 176 3.86 54.66 -11.88
N GLN E 177 4.21 55.64 -12.70
CA GLN E 177 4.06 57.03 -12.32
C GLN E 177 2.60 57.42 -12.01
N SER E 178 1.65 56.89 -12.79
CA SER E 178 0.23 57.18 -12.54
C SER E 178 -0.22 56.64 -11.19
N LEU E 179 0.40 55.56 -10.74
CA LEU E 179 0.12 55.02 -9.43
C LEU E 179 0.73 55.90 -8.34
N ASN E 180 1.89 56.47 -8.64
CA ASN E 180 2.55 57.40 -7.73
C ASN E 180 1.75 58.67 -7.57
N TRP E 181 1.15 59.15 -8.65
CA TRP E 181 0.36 60.36 -8.60
C TRP E 181 -0.92 60.10 -7.80
N GLN E 182 -1.49 58.92 -7.98
CA GLN E 182 -2.67 58.52 -7.25
C GLN E 182 -2.40 58.44 -5.74
N HIS E 183 -1.33 57.75 -5.36
CA HIS E 183 -1.03 57.53 -3.95
C HIS E 183 -0.53 58.78 -3.23
N GLN E 184 0.16 59.65 -3.95
CA GLN E 184 0.69 60.86 -3.33
C GLN E 184 -0.43 61.85 -2.97
N LEU E 185 -1.58 61.77 -3.64
CA LEU E 185 -2.73 62.55 -3.18
C LEU E 185 -3.54 61.88 -2.08
N CYS E 186 -3.22 60.63 -1.73
CA CYS E 186 -3.96 59.97 -0.65
C CYS E 186 -3.89 60.77 0.65
N LYS E 187 -5.02 60.78 1.35
CA LYS E 187 -5.22 61.55 2.58
C LYS E 187 -4.69 60.89 3.86
N ASN E 188 -4.84 59.58 3.97
CA ASN E 188 -4.03 58.84 4.92
C ASN E 188 -3.19 57.88 4.10
N PRO E 189 -1.89 58.21 3.92
CA PRO E 189 -0.90 57.38 3.20
C PRO E 189 -0.36 56.25 4.10
N ARG E 190 -0.44 54.98 3.68
CA ARG E 190 0.03 53.93 4.59
C ARG E 190 1.42 53.12 4.66
N PRO E 191 1.78 52.17 3.72
CA PRO E 191 3.17 51.66 3.91
C PRO E 191 3.96 51.87 2.63
N ASN E 192 3.64 50.91 1.76
CA ASN E 192 4.08 50.64 0.39
C ASN E 192 2.72 50.25 -0.09
N PRO E 193 1.96 51.20 -0.62
CA PRO E 193 0.53 50.97 -0.66
C PRO E 193 0.27 49.74 -1.50
N ASP E 194 -0.80 49.02 -1.23
CA ASP E 194 -1.00 47.84 -2.03
C ASP E 194 -1.96 48.31 -3.08
N ILE E 195 -1.47 48.36 -4.31
CA ILE E 195 -2.26 48.89 -5.39
C ILE E 195 -2.92 47.68 -5.99
N LYS E 196 -4.25 47.66 -5.86
CA LYS E 196 -5.02 46.50 -6.28
C LYS E 196 -5.33 46.48 -7.77
N THR E 197 -5.64 47.64 -8.35
CA THR E 197 -6.09 47.63 -9.74
C THR E 197 -5.62 48.87 -10.47
N LEU E 198 -5.57 48.76 -11.79
CA LEU E 198 -5.32 49.88 -12.68
C LEU E 198 -6.62 50.49 -13.19
N PHE E 199 -7.73 49.81 -12.91
CA PHE E 199 -9.01 50.12 -13.53
C PHE E 199 -9.70 51.34 -12.93
N THR E 200 -9.46 51.57 -11.63
CA THR E 200 -9.96 52.74 -10.93
C THR E 200 -8.86 53.24 -10.03
N ASP E 201 -8.83 54.54 -9.79
CA ASP E 201 -7.74 55.15 -9.04
C ASP E 201 -7.60 54.54 -7.64
N HIS E 202 -6.35 54.37 -7.22
CA HIS E 202 -6.03 53.86 -5.90
C HIS E 202 -6.38 54.86 -4.80
N THR E 203 -6.67 54.33 -3.61
CA THR E 203 -6.88 55.12 -2.39
C THR E 203 -6.33 54.38 -1.19
N CYS E 204 -6.17 55.08 -0.07
CA CYS E 204 -5.65 54.44 1.11
C CYS E 204 -6.69 54.39 2.24
N THR E 205 -6.33 53.70 3.33
CA THR E 205 -7.21 53.43 4.48
C THR E 205 -8.38 52.55 4.03
N MET F 1 3.22 37.88 -9.82
CA MET F 1 2.09 38.80 -9.75
C MET F 1 1.23 38.62 -11.00
N SER F 2 1.60 39.27 -12.11
CA SER F 2 0.91 39.08 -13.39
C SER F 2 -0.51 39.63 -13.36
N SER F 3 -0.98 40.00 -12.16
CA SER F 3 -2.27 40.63 -12.00
C SER F 3 -2.34 42.01 -12.67
N LEU F 4 -1.29 42.79 -12.51
CA LEU F 4 -1.23 44.14 -13.07
C LEU F 4 -0.98 44.11 -14.59
N SER F 5 0.07 43.39 -14.99
CA SER F 5 0.45 43.27 -16.40
C SER F 5 -0.76 42.87 -17.23
N ARG F 6 -1.53 41.94 -16.68
CA ARG F 6 -2.77 41.46 -17.27
C ARG F 6 -3.80 42.57 -17.44
N GLU F 7 -3.93 43.39 -16.41
CA GLU F 7 -4.86 44.52 -16.45
C GLU F 7 -4.44 45.53 -17.51
N LEU F 8 -3.13 45.72 -17.64
CA LEU F 8 -2.61 46.70 -18.60
C LEU F 8 -3.01 46.32 -20.02
N VAL F 9 -2.97 45.02 -20.31
CA VAL F 9 -3.38 44.50 -21.61
C VAL F 9 -4.83 44.91 -21.88
N PHE F 10 -5.67 44.84 -20.85
CA PHE F 10 -7.08 45.23 -20.95
C PHE F 10 -7.26 46.71 -21.25
N LEU F 11 -6.47 47.56 -20.59
CA LEU F 11 -6.50 48.99 -20.90
C LEU F 11 -6.12 49.22 -22.35
N ILE F 12 -5.09 48.52 -22.80
CA ILE F 12 -4.65 48.64 -24.18
C ILE F 12 -5.75 48.20 -25.12
N LEU F 13 -6.43 47.11 -24.78
CA LEU F 13 -7.55 46.62 -25.58
C LEU F 13 -8.64 47.69 -25.72
N GLN F 14 -8.98 48.34 -24.61
CA GLN F 14 -10.01 49.38 -24.64
C GLN F 14 -9.58 50.53 -25.52
N PHE F 15 -8.32 50.94 -25.39
CA PHE F 15 -7.74 51.99 -26.22
C PHE F 15 -7.85 51.67 -27.69
N LEU F 16 -7.36 50.47 -28.04
CA LEU F 16 -7.41 50.00 -29.40
C LEU F 16 -8.83 50.02 -29.94
N ASP F 17 -9.79 49.59 -29.12
CA ASP F 17 -11.19 49.59 -29.52
C ASP F 17 -11.71 51.00 -29.77
N GLU F 18 -11.30 51.94 -28.93
CA GLU F 18 -11.69 53.34 -29.09
C GLU F 18 -11.06 54.00 -30.31
N GLU F 19 -9.85 53.58 -30.66
CA GLU F 19 -9.19 54.11 -31.85
C GLU F 19 -9.66 53.37 -33.09
N LYS F 20 -10.54 52.39 -32.87
CA LYS F 20 -11.12 51.61 -33.94
C LYS F 20 -10.07 50.80 -34.70
N PHE F 21 -9.04 50.32 -34.00
CA PHE F 21 -8.13 49.42 -34.67
C PHE F 21 -8.64 48.03 -34.40
N LYS F 22 -9.45 47.54 -35.34
CA LYS F 22 -10.31 46.38 -35.13
C LYS F 22 -9.51 45.11 -35.09
N GLU F 23 -8.64 44.96 -36.08
CA GLU F 23 -7.83 43.75 -36.25
C GLU F 23 -6.79 43.61 -35.16
N THR F 24 -6.25 44.75 -34.73
CA THR F 24 -5.21 44.77 -33.71
C THR F 24 -5.80 44.31 -32.38
N VAL F 25 -7.05 44.67 -32.14
CA VAL F 25 -7.75 44.23 -30.93
C VAL F 25 -7.80 42.72 -30.83
N HIS F 26 -8.20 42.06 -31.90
CA HIS F 26 -8.44 40.62 -31.85
C HIS F 26 -7.13 39.83 -31.90
N LYS F 27 -6.10 40.39 -32.52
CA LYS F 27 -4.80 39.74 -32.49
C LYS F 27 -4.27 39.78 -31.06
N LEU F 28 -4.54 40.88 -30.36
CA LEU F 28 -4.08 41.01 -28.99
C LEU F 28 -4.88 40.08 -28.06
N GLU F 29 -6.18 39.98 -28.28
CA GLU F 29 -7.01 39.04 -27.54
C GLU F 29 -6.43 37.65 -27.67
N GLN F 30 -6.15 37.27 -28.92
CA GLN F 30 -5.63 35.96 -29.27
C GLN F 30 -4.25 35.66 -28.69
N GLU F 31 -3.30 36.56 -28.90
CA GLU F 31 -1.92 36.29 -28.51
C GLU F 31 -1.74 36.31 -26.99
N SER F 32 -2.45 37.21 -26.31
CA SER F 32 -2.40 37.31 -24.86
C SER F 32 -3.23 36.24 -24.20
N GLY F 33 -4.30 35.81 -24.88
CA GLY F 33 -5.23 34.85 -24.32
C GLY F 33 -5.99 35.29 -23.07
N PHE F 34 -6.05 36.59 -22.83
CA PHE F 34 -6.76 37.12 -21.67
C PHE F 34 -8.28 37.31 -21.79
N PHE F 35 -8.77 37.66 -22.97
CA PHE F 35 -10.21 37.90 -23.16
C PHE F 35 -10.71 37.29 -24.45
N PHE F 36 -11.72 36.45 -24.32
CA PHE F 36 -12.30 35.81 -25.47
C PHE F 36 -13.54 36.56 -25.91
N ASN F 37 -13.53 37.02 -27.15
CA ASN F 37 -14.56 37.91 -27.62
C ASN F 37 -15.62 37.11 -28.37
N MET F 38 -16.71 36.83 -27.67
CA MET F 38 -17.81 36.04 -28.19
C MET F 38 -18.40 36.63 -29.43
N LYS F 39 -18.73 37.91 -29.34
CA LYS F 39 -19.34 38.65 -30.43
C LYS F 39 -18.53 38.48 -31.72
N TYR F 40 -17.22 38.65 -31.60
CA TYR F 40 -16.31 38.48 -32.74
C TYR F 40 -16.33 37.05 -33.25
N PHE F 41 -16.22 36.10 -32.32
CA PHE F 41 -16.23 34.68 -32.62
C PHE F 41 -17.45 34.29 -33.46
N GLU F 42 -18.63 34.71 -33.03
CA GLU F 42 -19.89 34.40 -33.72
C GLU F 42 -19.87 34.94 -35.14
N GLU F 43 -19.47 36.20 -35.25
CA GLU F 43 -19.38 36.88 -36.53
C GLU F 43 -18.51 36.09 -37.50
N LYS F 44 -17.37 35.61 -37.01
CA LYS F 44 -16.48 34.83 -37.85
C LYS F 44 -17.05 33.45 -38.17
N VAL F 45 -17.75 32.82 -37.23
CA VAL F 45 -18.37 31.53 -37.51
C VAL F 45 -19.45 31.66 -38.59
N HIS F 46 -20.33 32.63 -38.43
CA HIS F 46 -21.37 32.88 -39.44
C HIS F 46 -20.80 33.12 -40.83
N ALA F 47 -19.66 33.80 -40.90
CA ALA F 47 -19.00 34.06 -42.18
C ALA F 47 -18.28 32.82 -42.70
N GLY F 48 -18.21 31.80 -41.86
CA GLY F 48 -17.51 30.58 -42.21
C GLY F 48 -16.03 30.79 -42.44
N GLU F 49 -15.42 31.70 -41.68
CA GLU F 49 -13.99 31.91 -41.82
C GLU F 49 -13.33 30.93 -40.86
N TRP F 50 -13.04 29.73 -41.35
CA TRP F 50 -12.73 28.65 -40.42
C TRP F 50 -11.28 28.77 -40.04
N ASP F 51 -10.47 29.27 -40.96
CA ASP F 51 -9.05 29.44 -40.69
C ASP F 51 -8.87 30.44 -39.56
N GLU F 52 -9.64 31.53 -39.59
CA GLU F 52 -9.51 32.53 -38.54
C GLU F 52 -10.13 31.99 -37.25
N VAL F 53 -11.24 31.27 -37.37
CA VAL F 53 -11.87 30.67 -36.19
C VAL F 53 -10.91 29.78 -35.42
N GLU F 54 -10.22 28.87 -36.10
CA GLU F 54 -9.31 27.98 -35.41
C GLU F 54 -8.09 28.73 -34.88
N LYS F 55 -7.68 29.75 -35.62
CA LYS F 55 -6.53 30.58 -35.24
C LYS F 55 -6.79 31.37 -33.97
N TYR F 56 -7.98 31.97 -33.90
CA TYR F 56 -8.37 32.75 -32.74
C TYR F 56 -8.49 31.83 -31.53
N LEU F 57 -9.17 30.68 -31.68
CA LEU F 57 -9.29 29.69 -30.61
C LEU F 57 -7.94 29.22 -30.10
N SER F 58 -6.98 29.11 -31.00
CA SER F 58 -5.68 28.53 -30.66
C SER F 58 -4.93 29.39 -29.64
N GLY F 59 -5.39 30.62 -29.43
CA GLY F 59 -4.82 31.52 -28.44
C GLY F 59 -5.29 31.22 -27.04
N PHE F 60 -6.31 30.38 -26.96
CA PHE F 60 -6.97 30.06 -25.69
C PHE F 60 -6.81 28.59 -25.30
N THR F 61 -7.04 27.69 -26.25
CA THR F 61 -6.98 26.26 -25.94
C THR F 61 -6.54 25.41 -27.13
N LYS F 62 -5.95 24.26 -26.84
CA LYS F 62 -5.66 23.26 -27.87
C LYS F 62 -6.75 22.24 -27.92
N VAL F 63 -6.70 21.34 -28.90
CA VAL F 63 -7.80 20.44 -29.17
C VAL F 63 -8.03 19.41 -28.05
N ASP F 64 -6.95 18.89 -27.48
CA ASP F 64 -7.02 17.81 -26.48
C ASP F 64 -6.90 18.25 -25.01
N ASP F 65 -7.00 19.55 -24.73
CA ASP F 65 -6.84 20.01 -23.34
C ASP F 65 -7.90 19.44 -22.39
N ASN F 66 -9.14 19.34 -22.86
CA ASN F 66 -10.24 18.82 -22.07
C ASN F 66 -11.40 18.48 -22.98
N ARG F 67 -12.33 17.69 -22.48
CA ARG F 67 -13.44 17.20 -23.31
C ARG F 67 -14.32 18.32 -23.91
N TYR F 68 -14.44 19.44 -23.23
CA TYR F 68 -15.21 20.56 -23.77
C TYR F 68 -14.54 21.11 -25.00
N SER F 69 -13.27 21.47 -24.85
CA SER F 69 -12.53 22.07 -25.94
C SER F 69 -12.37 21.05 -27.08
N MET F 70 -12.42 19.76 -26.76
CA MET F 70 -12.26 18.75 -27.79
C MET F 70 -13.52 18.69 -28.67
N LYS F 71 -14.70 18.78 -28.05
CA LYS F 71 -15.94 18.78 -28.82
C LYS F 71 -16.08 20.06 -29.64
N ILE F 72 -15.58 21.17 -29.12
CA ILE F 72 -15.64 22.45 -29.82
C ILE F 72 -14.96 22.34 -31.18
N PHE F 73 -13.72 21.86 -31.17
CA PHE F 73 -12.98 21.67 -32.40
C PHE F 73 -13.64 20.64 -33.30
N PHE F 74 -14.14 19.57 -32.70
CA PHE F 74 -14.81 18.54 -33.50
C PHE F 74 -15.99 19.10 -34.26
N GLU F 75 -16.83 19.86 -33.56
CA GLU F 75 -18.02 20.42 -34.20
C GLU F 75 -17.60 21.35 -35.33
N ILE F 76 -16.58 22.18 -35.09
CA ILE F 76 -16.13 23.13 -36.11
C ILE F 76 -15.64 22.40 -37.35
N ARG F 77 -14.79 21.41 -37.15
CA ARG F 77 -14.22 20.68 -38.27
C ARG F 77 -15.27 19.81 -38.97
N LYS F 78 -16.23 19.29 -38.22
CA LYS F 78 -17.35 18.58 -38.82
C LYS F 78 -18.13 19.46 -39.81
N GLN F 79 -18.51 20.66 -39.37
CA GLN F 79 -19.27 21.59 -40.23
C GLN F 79 -18.45 22.00 -41.44
N LYS F 80 -17.17 22.21 -41.20
CA LYS F 80 -16.20 22.54 -42.23
C LYS F 80 -16.25 21.49 -43.36
N TYR F 81 -16.18 20.23 -42.95
CA TYR F 81 -16.23 19.05 -43.82
C TYR F 81 -17.53 18.92 -44.61
N LEU F 82 -18.64 19.05 -43.91
CA LEU F 82 -19.95 18.92 -44.54
C LEU F 82 -20.18 19.99 -45.59
N GLU F 83 -19.75 21.22 -45.31
CA GLU F 83 -19.86 22.30 -46.29
C GLU F 83 -19.08 21.97 -47.56
N ALA F 84 -17.92 21.34 -47.39
CA ALA F 84 -17.11 20.91 -48.52
C ALA F 84 -17.87 19.87 -49.33
N LEU F 85 -18.51 18.94 -48.63
CA LEU F 85 -19.32 17.93 -49.30
C LEU F 85 -20.48 18.58 -50.04
N ASP F 86 -21.06 19.60 -49.44
CA ASP F 86 -22.25 20.23 -49.96
C ASP F 86 -22.00 21.03 -51.25
N ARG F 87 -20.78 21.54 -51.41
CA ARG F 87 -20.42 22.24 -52.66
C ARG F 87 -19.74 21.27 -53.64
N HIS F 88 -19.76 19.99 -53.26
CA HIS F 88 -19.23 18.89 -54.07
C HIS F 88 -17.76 19.09 -54.36
N ASP F 89 -17.07 19.70 -53.43
CA ASP F 89 -15.63 19.85 -53.57
C ASP F 89 -15.06 18.75 -52.72
N ARG F 90 -14.81 17.59 -53.32
CA ARG F 90 -14.47 16.45 -52.50
C ARG F 90 -13.02 16.54 -52.14
N ALA F 91 -12.25 17.04 -53.08
CA ALA F 91 -10.83 17.20 -52.90
C ALA F 91 -10.57 17.94 -51.58
N LYS F 92 -11.34 18.97 -51.32
CA LYS F 92 -11.16 19.71 -50.08
C LYS F 92 -11.69 18.88 -48.91
N ALA F 93 -12.83 18.22 -49.11
CA ALA F 93 -13.45 17.43 -48.06
C ALA F 93 -12.51 16.35 -47.56
N VAL F 94 -11.81 15.72 -48.48
CA VAL F 94 -10.86 14.67 -48.09
C VAL F 94 -9.67 15.29 -47.39
N ASP F 95 -9.25 16.47 -47.84
CA ASP F 95 -8.14 17.16 -47.21
C ASP F 95 -8.51 17.50 -45.75
N ILE F 96 -9.73 17.98 -45.53
CA ILE F 96 -10.20 18.28 -44.19
C ILE F 96 -10.25 17.00 -43.36
N LEU F 97 -10.74 15.93 -43.96
CA LEU F 97 -10.90 14.64 -43.29
C LEU F 97 -9.55 14.12 -42.81
N VAL F 98 -8.51 14.33 -43.61
CA VAL F 98 -7.16 13.91 -43.24
C VAL F 98 -6.42 14.86 -42.26
N LYS F 99 -6.44 16.16 -42.53
CA LYS F 99 -5.70 17.11 -41.71
C LYS F 99 -6.37 17.44 -40.38
N ASP F 100 -7.66 17.74 -40.45
CA ASP F 100 -8.40 18.24 -39.30
C ASP F 100 -9.10 17.20 -38.44
N LEU F 101 -9.75 16.23 -39.07
CA LEU F 101 -10.59 15.28 -38.34
C LEU F 101 -9.86 14.03 -37.89
N LYS F 102 -8.68 13.78 -38.44
CA LYS F 102 -8.02 12.52 -38.16
C LYS F 102 -7.64 12.42 -36.68
N VAL F 103 -7.33 13.53 -36.03
CA VAL F 103 -6.94 13.45 -34.63
C VAL F 103 -7.93 12.71 -33.70
N PHE F 104 -9.21 12.75 -34.03
CA PHE F 104 -10.25 12.11 -33.24
C PHE F 104 -10.26 10.63 -33.60
N SER F 105 -9.38 10.24 -34.52
CA SER F 105 -9.35 8.89 -35.05
C SER F 105 -9.26 7.88 -33.93
N THR F 106 -8.43 8.19 -32.94
CA THR F 106 -8.18 7.28 -31.81
C THR F 106 -9.29 6.94 -30.81
N PHE F 107 -10.03 7.95 -30.39
CA PHE F 107 -11.07 7.73 -29.38
C PHE F 107 -12.32 7.18 -30.00
N ASN F 108 -12.65 7.66 -31.19
CA ASN F 108 -13.73 7.00 -31.87
C ASN F 108 -13.23 6.43 -33.20
N GLU F 109 -12.88 5.15 -33.23
CA GLU F 109 -12.36 4.54 -34.45
C GLU F 109 -13.53 4.46 -35.38
N GLU F 110 -14.65 4.01 -34.82
CA GLU F 110 -15.85 3.79 -35.59
C GLU F 110 -16.46 5.09 -36.11
N LEU F 111 -16.51 6.13 -35.27
CA LEU F 111 -17.10 7.40 -35.70
C LEU F 111 -16.36 8.02 -36.86
N TYR F 112 -15.03 7.96 -36.80
CA TYR F 112 -14.21 8.47 -37.89
C TYR F 112 -14.55 7.78 -39.19
N LYS F 113 -14.71 6.45 -39.13
CA LYS F 113 -15.08 5.67 -40.32
C LYS F 113 -16.42 6.12 -40.86
N GLU F 114 -17.39 6.27 -39.97
CA GLU F 114 -18.73 6.70 -40.34
C GLU F 114 -18.74 8.09 -40.98
N ILE F 115 -17.86 8.97 -40.52
CA ILE F 115 -17.72 10.29 -41.12
C ILE F 115 -17.07 10.19 -42.51
N THR F 116 -16.04 9.34 -42.59
CA THR F 116 -15.37 9.04 -43.84
C THR F 116 -16.37 8.59 -44.91
N GLN F 117 -17.27 7.68 -44.56
CA GLN F 117 -18.19 7.09 -45.54
C GLN F 117 -19.21 8.06 -46.09
N LEU F 118 -19.35 9.22 -45.48
CA LEU F 118 -20.27 10.24 -45.98
C LEU F 118 -19.86 10.71 -47.36
N LEU F 119 -18.58 10.52 -47.69
CA LEU F 119 -18.04 10.89 -49.00
C LEU F 119 -18.75 10.23 -50.16
N THR F 120 -19.22 9.00 -49.96
CA THR F 120 -19.77 8.19 -51.05
C THR F 120 -21.27 8.33 -51.21
N LEU F 121 -21.90 9.15 -50.38
CA LEU F 121 -23.33 9.38 -50.48
C LEU F 121 -23.67 10.41 -51.55
N GLU F 122 -24.84 10.25 -52.16
CA GLU F 122 -25.37 11.24 -53.08
C GLU F 122 -25.52 12.56 -52.35
N ASN F 123 -26.08 12.46 -51.15
CA ASN F 123 -26.30 13.61 -50.27
C ASN F 123 -26.12 13.14 -48.82
N PHE F 124 -25.30 13.83 -48.02
CA PHE F 124 -25.01 13.32 -46.68
C PHE F 124 -26.24 13.31 -45.77
N ARG F 125 -27.30 13.99 -46.20
CA ARG F 125 -28.56 13.97 -45.48
C ARG F 125 -29.25 12.60 -45.56
N GLU F 126 -28.64 11.69 -46.31
CA GLU F 126 -29.13 10.31 -46.38
C GLU F 126 -28.84 9.61 -45.07
N ASN F 127 -27.81 10.07 -44.34
CA ASN F 127 -27.56 9.64 -42.97
C ASN F 127 -28.62 10.23 -42.05
N GLU F 128 -29.25 9.42 -41.21
CA GLU F 128 -30.43 9.87 -40.45
C GLU F 128 -30.09 10.89 -39.36
N GLN F 129 -28.86 10.84 -38.87
CA GLN F 129 -28.44 11.78 -37.84
C GLN F 129 -28.21 13.17 -38.44
N LEU F 130 -27.81 13.18 -39.71
CA LEU F 130 -27.58 14.44 -40.40
C LEU F 130 -28.77 14.83 -41.29
N SER F 131 -29.84 14.05 -41.22
CA SER F 131 -30.99 14.23 -42.12
C SER F 131 -31.70 15.56 -41.91
N LYS F 132 -31.42 16.19 -40.78
CA LYS F 132 -32.11 17.39 -40.39
C LYS F 132 -31.31 18.64 -40.76
N TYR F 133 -30.16 18.44 -41.38
CA TYR F 133 -29.29 19.53 -41.78
C TYR F 133 -29.88 20.13 -43.05
N GLY F 134 -30.38 21.36 -42.98
CA GLY F 134 -31.00 21.99 -44.14
C GLY F 134 -30.18 22.77 -45.15
N ASP F 135 -29.53 23.83 -44.68
CA ASP F 135 -28.63 24.62 -45.54
C ASP F 135 -27.49 25.12 -44.68
N THR F 136 -26.48 25.70 -45.33
CA THR F 136 -25.31 26.19 -44.61
C THR F 136 -25.61 27.22 -43.54
N LYS F 137 -26.32 28.28 -43.91
CA LYS F 137 -26.66 29.33 -42.97
C LYS F 137 -27.29 28.79 -41.68
N SER F 138 -28.20 27.83 -41.80
CA SER F 138 -28.93 27.31 -40.64
C SER F 138 -28.09 26.39 -39.77
N ALA F 139 -27.30 25.54 -40.44
CA ALA F 139 -26.43 24.60 -39.74
C ALA F 139 -25.41 25.35 -38.90
N ARG F 140 -24.87 26.41 -39.48
CA ARG F 140 -23.91 27.27 -38.79
C ARG F 140 -24.52 27.87 -37.52
N SER F 141 -25.74 28.37 -37.63
CA SER F 141 -26.42 29.01 -36.49
C SER F 141 -26.72 28.04 -35.35
N ILE F 142 -27.21 26.85 -35.69
CA ILE F 142 -27.56 25.83 -34.69
C ILE F 142 -26.29 25.41 -33.96
N MET F 143 -25.26 25.17 -34.74
CA MET F 143 -23.94 24.83 -34.22
C MET F 143 -23.36 25.94 -33.34
N LEU F 144 -23.66 27.18 -33.69
CA LEU F 144 -23.13 28.33 -32.97
C LEU F 144 -23.67 28.34 -31.55
N ILE F 145 -24.97 28.03 -31.44
CA ILE F 145 -25.66 27.94 -30.16
C ILE F 145 -25.00 26.92 -29.24
N GLU F 146 -24.65 25.79 -29.83
CA GLU F 146 -23.98 24.70 -29.17
C GLU F 146 -22.59 25.12 -28.69
N LEU F 147 -21.87 25.79 -29.59
CA LEU F 147 -20.53 26.29 -29.30
C LEU F 147 -20.49 27.26 -28.11
N LYS F 148 -21.41 28.24 -28.12
CA LYS F 148 -21.51 29.23 -27.06
C LYS F 148 -21.61 28.57 -25.70
N LYS F 149 -22.46 27.56 -25.62
CA LYS F 149 -22.66 26.83 -24.38
C LYS F 149 -21.40 26.07 -24.01
N LEU F 150 -20.82 25.38 -24.99
CA LEU F 150 -19.58 24.62 -24.77
C LEU F 150 -18.44 25.50 -24.26
N ILE F 151 -18.34 26.72 -24.80
CA ILE F 151 -17.29 27.65 -24.43
C ILE F 151 -17.51 28.18 -23.02
N GLU F 152 -18.74 28.61 -22.74
CA GLU F 152 -19.09 29.20 -21.46
C GLU F 152 -18.83 28.22 -20.30
N ALA F 153 -19.05 26.93 -20.56
CA ALA F 153 -18.80 25.89 -19.56
C ALA F 153 -17.34 25.45 -19.49
N ASN F 154 -16.56 25.73 -20.52
CA ASN F 154 -15.17 25.28 -20.56
C ASN F 154 -14.35 25.95 -19.45
N PRO F 155 -13.66 25.13 -18.64
CA PRO F 155 -12.84 25.62 -17.52
C PRO F 155 -11.81 26.66 -17.91
N LEU F 156 -11.28 26.57 -19.13
CA LEU F 156 -10.20 27.44 -19.53
C LEU F 156 -10.68 28.81 -20.02
N PHE F 157 -11.97 28.93 -20.31
CA PHE F 157 -12.56 30.21 -20.70
C PHE F 157 -13.35 30.93 -19.63
N ARG F 158 -13.62 30.22 -18.53
CA ARG F 158 -14.73 30.60 -17.65
C ARG F 158 -14.39 31.92 -16.92
N GLU F 159 -13.11 32.24 -16.82
CA GLU F 159 -12.73 33.53 -16.27
C GLU F 159 -12.48 34.60 -17.33
N LYS F 160 -12.67 34.23 -18.60
CA LYS F 160 -12.36 35.11 -19.73
C LYS F 160 -13.48 35.77 -20.57
N LEU F 161 -14.75 35.60 -20.22
CA LEU F 161 -15.82 36.01 -21.13
C LEU F 161 -16.48 37.37 -20.88
N VAL F 162 -16.08 38.05 -19.83
CA VAL F 162 -16.73 39.31 -19.50
C VAL F 162 -15.70 40.42 -19.55
N PHE F 163 -15.93 41.41 -20.39
CA PHE F 163 -15.01 42.52 -20.43
C PHE F 163 -15.27 43.36 -19.18
N PRO F 164 -14.17 43.84 -18.57
CA PRO F 164 -14.32 44.70 -17.40
C PRO F 164 -15.01 45.95 -17.87
N THR F 165 -15.56 46.72 -16.96
CA THR F 165 -16.28 47.90 -17.37
C THR F 165 -15.48 49.04 -16.78
N LEU F 166 -15.16 50.01 -17.62
CA LEU F 166 -14.25 51.09 -17.25
C LEU F 166 -14.81 52.39 -17.73
N LYS F 167 -14.38 53.50 -17.14
CA LYS F 167 -14.67 54.75 -17.81
C LYS F 167 -13.96 54.76 -19.15
N ALA F 168 -14.53 55.53 -20.08
CA ALA F 168 -13.93 55.69 -21.38
C ALA F 168 -12.49 56.15 -21.22
N SER F 169 -11.63 55.64 -22.09
CA SER F 169 -10.25 56.08 -22.19
C SER F 169 -9.48 55.99 -20.88
N ARG F 170 -9.59 54.85 -20.19
CA ARG F 170 -8.86 54.68 -18.94
C ARG F 170 -7.35 54.88 -19.13
N LEU F 171 -6.82 54.33 -20.20
CA LEU F 171 -5.39 54.44 -20.48
C LEU F 171 -4.96 55.90 -20.65
N ARG F 172 -5.71 56.66 -21.42
CA ARG F 172 -5.41 58.08 -21.62
C ARG F 172 -5.44 58.83 -20.29
N THR F 173 -6.35 58.43 -19.42
CA THR F 173 -6.46 59.05 -18.10
C THR F 173 -5.19 58.81 -17.30
N LEU F 174 -4.74 57.56 -17.27
CA LEU F 174 -3.52 57.20 -16.57
C LEU F 174 -2.31 57.92 -17.10
N ILE F 175 -2.10 57.88 -18.42
CA ILE F 175 -0.98 58.57 -19.06
C ILE F 175 -0.88 60.01 -18.60
N ASN F 176 -2.02 60.67 -18.60
CA ASN F 176 -2.12 62.04 -18.15
C ASN F 176 -1.69 62.28 -16.71
N GLN F 177 -2.03 61.34 -15.83
CA GLN F 177 -1.57 61.41 -14.45
C GLN F 177 -0.05 61.36 -14.36
N SER F 178 0.58 60.53 -15.20
CA SER F 178 2.05 60.41 -15.21
C SER F 178 2.70 61.73 -15.60
N LEU F 179 2.00 62.51 -16.41
CA LEU F 179 2.47 63.82 -16.80
C LEU F 179 2.35 64.78 -15.62
N ASN F 180 1.30 64.60 -14.81
CA ASN F 180 1.13 65.40 -13.61
C ASN F 180 2.19 65.06 -12.58
N TRP F 181 2.55 63.79 -12.48
CA TRP F 181 3.57 63.34 -11.54
C TRP F 181 4.92 63.90 -11.94
N GLN F 182 5.19 63.90 -13.23
CA GLN F 182 6.44 64.44 -13.74
C GLN F 182 6.58 65.93 -13.47
N HIS F 183 5.53 66.70 -13.75
CA HIS F 183 5.59 68.15 -13.64
C HIS F 183 5.64 68.62 -12.21
N GLN F 184 5.03 67.86 -11.29
CA GLN F 184 5.07 68.23 -9.89
C GLN F 184 6.47 68.03 -9.29
N LEU F 185 7.28 67.17 -9.92
CA LEU F 185 8.69 67.03 -9.57
C LEU F 185 9.63 67.97 -10.33
N CYS F 186 9.06 68.96 -11.01
CA CYS F 186 9.90 69.96 -11.64
C CYS F 186 10.43 70.74 -10.46
N LYS F 187 11.65 71.25 -10.55
CA LYS F 187 12.24 71.99 -9.44
C LYS F 187 11.72 73.40 -9.30
N ASN F 188 11.74 74.12 -10.41
CA ASN F 188 11.15 75.43 -10.45
C ASN F 188 10.05 75.25 -11.46
N PRO F 189 8.84 75.00 -10.95
CA PRO F 189 7.73 74.75 -11.87
C PRO F 189 7.33 76.06 -12.53
N ARG F 190 6.38 75.98 -13.45
CA ARG F 190 6.10 77.12 -14.30
C ARG F 190 4.63 77.43 -14.53
N PRO F 191 4.31 78.41 -15.43
CA PRO F 191 2.88 78.44 -15.70
C PRO F 191 2.60 77.06 -16.25
N ASN F 192 1.64 76.36 -15.66
CA ASN F 192 1.50 74.98 -16.02
C ASN F 192 0.53 74.71 -17.17
N PRO F 193 0.90 73.73 -18.04
CA PRO F 193 2.28 73.33 -18.34
C PRO F 193 2.66 73.51 -19.80
N ASP F 194 3.86 73.06 -20.19
CA ASP F 194 4.03 72.50 -21.53
C ASP F 194 4.75 71.14 -21.55
N ILE F 195 4.15 70.17 -22.22
CA ILE F 195 4.75 68.84 -22.37
C ILE F 195 5.14 68.54 -23.83
N LYS F 196 6.42 68.30 -24.09
CA LYS F 196 6.90 68.06 -25.45
C LYS F 196 6.75 66.60 -25.97
N THR F 197 6.95 65.59 -25.11
CA THR F 197 6.89 64.20 -25.57
C THR F 197 6.49 63.26 -24.43
N LEU F 198 5.99 62.07 -24.77
CA LEU F 198 5.76 61.02 -23.77
C LEU F 198 6.95 60.10 -23.66
N PHE F 199 7.91 60.29 -24.56
CA PHE F 199 8.96 59.31 -24.76
C PHE F 199 10.02 59.36 -23.68
N THR F 200 10.22 60.54 -23.14
CA THR F 200 11.16 60.77 -22.05
C THR F 200 10.49 61.73 -21.07
N ASP F 201 10.84 61.66 -19.79
CA ASP F 201 10.15 62.46 -18.77
C ASP F 201 10.22 63.97 -19.01
N HIS F 202 9.11 64.66 -18.72
CA HIS F 202 9.05 66.12 -18.83
C HIS F 202 9.87 66.77 -17.71
N THR F 203 10.45 67.94 -17.99
CA THR F 203 11.11 68.74 -16.95
C THR F 203 11.02 70.25 -17.22
N CYS F 204 11.13 71.06 -16.16
CA CYS F 204 11.16 72.52 -16.32
C CYS F 204 12.47 73.02 -15.73
N THR F 205 13.47 73.37 -16.54
CA THR F 205 14.75 73.81 -15.99
C THR F 205 15.51 74.68 -16.98
N SER G 1 -23.44 -56.76 34.36
CA SER G 1 -22.51 -57.35 33.40
C SER G 1 -21.10 -56.80 33.56
N GLU G 2 -20.11 -57.56 33.11
CA GLU G 2 -18.70 -57.20 33.29
C GLU G 2 -18.44 -55.87 32.61
N THR G 3 -17.68 -55.00 33.28
CA THR G 3 -17.39 -53.70 32.73
C THR G 3 -16.55 -53.91 31.48
N GLU G 4 -16.40 -52.86 30.70
CA GLU G 4 -15.59 -52.92 29.50
C GLU G 4 -14.22 -52.45 29.93
N LEU G 5 -13.25 -53.36 29.94
CA LEU G 5 -11.91 -52.98 30.32
C LEU G 5 -11.02 -52.74 29.12
N ASP G 6 -11.60 -52.74 27.91
CA ASP G 6 -10.80 -52.66 26.71
C ASP G 6 -10.43 -51.23 26.39
N LEU G 7 -9.53 -51.06 25.42
CA LEU G 7 -9.07 -49.74 25.08
C LEU G 7 -9.38 -49.54 23.61
N ALA G 8 -10.33 -48.68 23.30
CA ALA G 8 -10.68 -48.45 21.90
C ALA G 8 -11.36 -47.10 21.84
N LEU G 9 -11.76 -46.66 20.65
CA LEU G 9 -12.33 -45.32 20.55
C LEU G 9 -13.70 -45.19 21.24
N GLY G 10 -14.33 -46.30 21.59
CA GLY G 10 -15.58 -46.26 22.35
C GLY G 10 -15.42 -45.90 23.82
N GLU H 4 14.31 2.26 48.67
CA GLU H 4 13.77 1.26 49.58
C GLU H 4 12.44 0.70 49.08
N LEU H 5 11.34 1.42 49.35
CA LEU H 5 10.01 0.96 48.96
C LEU H 5 9.68 1.49 47.59
N ASP H 6 10.67 2.06 46.92
CA ASP H 6 10.41 2.74 45.67
C ASP H 6 10.29 1.75 44.51
N LEU H 7 9.36 2.04 43.62
CA LEU H 7 9.07 1.16 42.50
C LEU H 7 9.78 1.63 41.27
N ALA H 8 10.76 0.84 40.86
CA ALA H 8 11.54 1.14 39.68
C ALA H 8 12.32 -0.08 39.24
N LEU H 9 13.06 0.05 38.16
CA LEU H 9 13.83 -1.06 37.61
C LEU H 9 14.98 -1.43 38.53
N SER I 1 10.53 -46.28 -18.27
CA SER I 1 11.81 -46.76 -17.76
C SER I 1 12.00 -46.54 -16.25
N GLU I 2 13.14 -45.99 -15.86
CA GLU I 2 13.61 -46.08 -14.45
C GLU I 2 13.05 -45.14 -13.39
N THR I 3 12.68 -43.91 -13.74
CA THR I 3 12.14 -43.04 -12.71
C THR I 3 10.99 -43.82 -12.16
N GLU I 4 10.84 -43.83 -10.86
CA GLU I 4 9.78 -44.60 -10.30
C GLU I 4 8.66 -43.64 -10.13
N LEU I 5 7.55 -43.86 -10.82
CA LEU I 5 6.45 -42.97 -10.59
C LEU I 5 5.51 -43.68 -9.66
N ASP I 6 5.76 -43.57 -8.36
CA ASP I 6 4.93 -44.24 -7.38
C ASP I 6 5.23 -43.46 -6.12
N LEU I 7 4.24 -43.32 -5.26
CA LEU I 7 4.42 -42.42 -4.16
C LEU I 7 4.67 -43.15 -2.88
N ALA I 8 5.77 -42.81 -2.22
CA ALA I 8 6.04 -43.36 -0.90
C ALA I 8 7.15 -42.61 -0.21
N LEU I 9 7.41 -42.99 1.04
CA LEU I 9 8.50 -42.43 1.81
C LEU I 9 9.81 -43.01 1.26
N SER J 1 -5.49 21.88 4.49
CA SER J 1 -5.73 21.68 3.07
C SER J 1 -4.51 21.94 2.22
N GLU J 2 -3.34 21.81 2.80
CA GLU J 2 -2.09 22.11 2.12
C GLU J 2 -1.19 21.05 2.71
N THR J 3 0.11 21.19 2.54
CA THR J 3 1.04 20.11 2.83
C THR J 3 0.81 19.58 4.24
N GLU J 4 0.52 18.29 4.39
CA GLU J 4 0.60 17.69 5.72
C GLU J 4 1.56 16.52 5.77
N LEU J 5 2.76 16.80 6.25
CA LEU J 5 3.82 15.82 6.40
C LEU J 5 3.82 15.41 7.86
N ASP J 6 2.68 15.65 8.50
CA ASP J 6 2.61 15.46 9.94
C ASP J 6 2.78 14.01 10.30
N LEU J 7 3.79 13.71 11.11
CA LEU J 7 4.00 12.33 11.43
C LEU J 7 3.42 12.18 12.81
N ALA J 8 2.19 11.70 12.85
CA ALA J 8 1.47 11.46 14.10
C ALA J 8 0.09 10.88 13.83
N LEU J 9 -0.58 10.49 14.91
CA LEU J 9 -1.91 9.88 14.84
C LEU J 9 -3.00 10.91 14.55
N THR K 3 15.21 58.08 -59.94
CA THR K 3 15.40 56.76 -60.52
C THR K 3 14.70 55.67 -59.74
N GLU K 4 14.31 54.59 -60.42
CA GLU K 4 13.87 54.64 -61.82
C GLU K 4 12.43 54.12 -61.79
N LEU K 5 11.49 54.99 -62.11
CA LEU K 5 10.07 54.70 -62.00
C LEU K 5 9.51 54.10 -63.26
N ASP K 6 10.39 53.51 -64.06
CA ASP K 6 9.96 52.90 -65.29
C ASP K 6 9.07 51.70 -64.99
N LEU K 7 8.01 51.53 -65.77
CA LEU K 7 7.11 50.40 -65.57
C LEU K 7 7.34 49.41 -66.70
N ALA K 8 8.04 48.33 -66.41
CA ALA K 8 8.34 47.32 -67.43
C ALA K 8 8.99 46.12 -66.82
N LEU K 9 9.35 45.15 -67.67
CA LEU K 9 9.99 43.95 -67.20
C LEU K 9 11.41 44.28 -66.75
N GLU L 2 -27.13 17.23 -18.73
CA GLU L 2 -26.48 16.91 -19.99
C GLU L 2 -26.00 18.18 -20.69
N THR L 3 -24.87 18.06 -21.38
CA THR L 3 -24.23 19.17 -22.07
C THR L 3 -24.69 19.32 -23.55
N GLU L 4 -24.50 18.31 -24.43
CA GLU L 4 -23.88 17.01 -24.15
C GLU L 4 -22.50 16.97 -24.80
N LEU L 5 -21.52 16.33 -24.15
CA LEU L 5 -20.14 16.23 -24.68
C LEU L 5 -19.82 14.93 -25.42
N ASP L 6 -20.83 14.22 -25.91
CA ASP L 6 -20.56 12.96 -26.59
C ASP L 6 -20.20 13.32 -28.01
N LEU L 7 -19.31 12.56 -28.64
CA LEU L 7 -18.88 12.90 -30.01
C LEU L 7 -19.57 12.08 -31.07
N ALA L 8 -20.46 12.76 -31.79
CA ALA L 8 -21.17 12.13 -32.89
C ALA L 8 -21.93 13.14 -33.74
N LEU L 9 -22.56 12.62 -34.78
CA LEU L 9 -23.26 13.39 -35.78
C LEU L 9 -24.58 13.98 -35.27
#